data_6S11
#
_entry.id   6S11
#
_cell.length_a   168.615
_cell.length_b   168.615
_cell.length_c   62.154
_cell.angle_alpha   90.000
_cell.angle_beta   90.000
_cell.angle_gamma   120.000
#
_symmetry.space_group_name_H-M   'P 65'
#
loop_
_entity.id
_entity.type
_entity.pdbx_description
1 polymer 'Dual specificity tyrosine-phosphorylation-regulated kinase 1A'
2 non-polymer 'CHLORIDE ION'
3 non-polymer 6-pyridin-4-yl-3-[3-(trifluoromethyloxy)phenyl]imidazo[1,2-b]pyridazine
4 water water
#
_entity_poly.entity_id   1
_entity_poly.type   'polypeptide(L)'
_entity_poly.pdbx_seq_one_letter_code
;SMSSHKKERKVYNDGYDDDNYDYIVKNGEKWMDRYEIDSLIGKGSFGQVVKAYDRVEQEWVAIKIIKNKKAFLNQAQIEV
RLLELMNKHDTEMKYYIVHLKRHFMFRNHLCLVFEMLSYNLYDLLRNTNFRGVSLNLTRKFAQQMCTALLFLATPELSII
HCDLKPENILLCNPKRSAIKIVDFGSSCQLGQRIYQ(PTR)IQSRFYRSPEVLLGMPYDLAIDMWSLGCILVEMHTGEPL
FSGANEVDQMNKIVEVLGIPPAHILDQAPKARKFFEKLPDGTWNLKKTKDGKREYKPPGTRKLHNILGVETGGPGGRRAG
ESGHTVADYLKFKDLILRMLDYDPKTRIQPYYALQHSFFKKTADE
;
_entity_poly.pdbx_strand_id   A,B
#
loop_
_chem_comp.id
_chem_comp.type
_chem_comp.name
_chem_comp.formula
CL non-polymer 'CHLORIDE ION' 'Cl -1'
KQE non-polymer 6-pyridin-4-yl-3-[3-(trifluoromethyloxy)phenyl]imidazo[1,2-b]pyridazine 'C18 H11 F3 N4 O'
#
# COMPACT_ATOMS: atom_id res chain seq x y z
N LYS A 10 45.39 1.25 -18.59
CA LYS A 10 44.78 2.55 -18.24
C LYS A 10 43.67 2.43 -17.18
N VAL A 11 43.35 3.56 -16.52
CA VAL A 11 42.35 3.57 -15.45
C VAL A 11 41.00 3.19 -16.02
N TYR A 12 40.10 2.76 -15.13
CA TYR A 12 38.74 2.37 -15.52
C TYR A 12 38.78 1.31 -16.63
N ASN A 13 39.68 0.35 -16.47
CA ASN A 13 39.82 -0.77 -17.40
C ASN A 13 39.95 -0.27 -18.84
N ASP A 14 40.95 0.59 -19.03
CA ASP A 14 41.26 1.18 -20.32
C ASP A 14 40.09 1.98 -20.87
N GLY A 15 39.32 2.63 -19.99
CA GLY A 15 38.17 3.36 -20.47
C GLY A 15 37.03 2.47 -20.90
N TYR A 16 37.11 1.17 -20.65
CA TYR A 16 36.02 0.28 -21.01
C TYR A 16 34.93 0.20 -19.97
N ASP A 17 35.20 0.61 -18.72
CA ASP A 17 34.24 0.44 -17.64
C ASP A 17 33.72 1.78 -17.13
N ASP A 18 32.58 1.73 -16.45
CA ASP A 18 31.99 2.94 -15.87
C ASP A 18 32.43 3.05 -14.40
N ASP A 19 31.81 3.95 -13.65
CA ASP A 19 32.16 4.14 -12.25
C ASP A 19 31.72 2.98 -11.37
N ASN A 20 30.80 2.14 -11.84
CA ASN A 20 30.32 1.05 -11.03
C ASN A 20 30.89 -0.30 -11.47
N TYR A 21 32.05 -0.29 -12.12
CA TYR A 21 32.72 -1.49 -12.59
C TYR A 21 31.95 -2.22 -13.68
N ASP A 22 30.89 -1.62 -14.22
CA ASP A 22 30.19 -2.21 -15.34
C ASP A 22 30.93 -1.91 -16.64
N TYR A 23 30.84 -2.87 -17.55
CA TYR A 23 31.32 -2.65 -18.90
C TYR A 23 30.37 -1.70 -19.62
N ILE A 24 30.90 -0.66 -20.25
CA ILE A 24 30.05 0.31 -20.94
C ILE A 24 29.62 -0.33 -22.26
N VAL A 25 28.35 -0.74 -22.31
CA VAL A 25 27.80 -1.51 -23.42
C VAL A 25 27.59 -0.58 -24.61
N LYS A 26 28.07 -1.00 -25.78
CA LYS A 26 27.88 -0.30 -27.04
C LYS A 26 27.18 -1.20 -28.04
N ASN A 27 26.04 -0.76 -28.55
CA ASN A 27 25.31 -1.54 -29.55
C ASN A 27 26.21 -1.86 -30.75
N GLY A 28 26.03 -3.06 -31.32
CA GLY A 28 26.72 -3.48 -32.52
C GLY A 28 28.13 -3.98 -32.33
N GLU A 29 28.66 -3.89 -31.12
CA GLU A 29 29.99 -4.43 -30.88
C GLU A 29 29.98 -5.94 -31.11
N LYS A 30 31.12 -6.46 -31.55
CA LYS A 30 31.27 -7.88 -31.84
C LYS A 30 32.31 -8.42 -30.87
N TRP A 31 31.95 -9.43 -30.09
CA TRP A 31 32.82 -10.00 -29.07
C TRP A 31 33.35 -11.34 -29.55
N MET A 32 34.66 -11.52 -29.43
CA MET A 32 35.33 -12.78 -29.77
C MET A 32 35.07 -13.18 -31.21
N ASP A 33 34.82 -12.19 -32.07
CA ASP A 33 34.51 -12.45 -33.47
C ASP A 33 33.38 -13.48 -33.54
N ARG A 34 32.39 -13.33 -32.65
CA ARG A 34 31.32 -14.30 -32.53
C ARG A 34 29.99 -13.71 -32.07
N TYR A 35 29.95 -12.96 -30.97
CA TYR A 35 28.69 -12.45 -30.45
C TYR A 35 28.50 -11.03 -30.96
N GLU A 36 27.37 -10.79 -31.62
CA GLU A 36 27.00 -9.45 -32.07
C GLU A 36 26.07 -8.85 -31.02
N ILE A 37 26.56 -7.85 -30.31
CA ILE A 37 25.78 -7.25 -29.23
C ILE A 37 24.70 -6.36 -29.84
N ASP A 38 23.46 -6.62 -29.49
CA ASP A 38 22.33 -5.84 -30.00
C ASP A 38 22.06 -4.65 -29.10
N SER A 39 21.83 -4.90 -27.81
CA SER A 39 21.51 -3.80 -26.90
C SER A 39 21.53 -4.30 -25.47
N LEU A 40 21.59 -3.36 -24.54
CA LEU A 40 21.48 -3.67 -23.13
C LEU A 40 20.05 -4.07 -22.76
N ILE A 41 19.90 -5.14 -21.98
CA ILE A 41 18.57 -5.53 -21.49
C ILE A 41 18.27 -4.90 -20.14
N GLY A 42 19.21 -4.98 -19.22
CA GLY A 42 19.01 -4.39 -17.91
C GLY A 42 20.26 -4.55 -17.08
N LYS A 43 20.19 -3.99 -15.88
CA LYS A 43 21.25 -4.03 -14.90
C LYS A 43 20.74 -4.63 -13.61
N GLY A 44 21.64 -5.26 -12.87
CA GLY A 44 21.39 -5.72 -11.53
C GLY A 44 22.66 -5.53 -10.73
N SER A 45 22.61 -5.94 -9.47
CA SER A 45 23.76 -5.70 -8.60
C SER A 45 25.01 -6.39 -9.14
N PHE A 46 24.83 -7.50 -9.88
CA PHE A 46 25.96 -8.28 -10.36
C PHE A 46 26.68 -7.61 -11.52
N GLY A 47 25.99 -6.74 -12.26
CA GLY A 47 26.47 -6.25 -13.54
C GLY A 47 25.32 -6.03 -14.50
N GLN A 48 25.43 -6.55 -15.73
CA GLN A 48 24.45 -6.25 -16.76
C GLN A 48 24.12 -7.51 -17.54
N VAL A 49 22.93 -7.51 -18.14
CA VAL A 49 22.56 -8.57 -19.08
C VAL A 49 22.33 -7.93 -20.43
N VAL A 50 22.84 -8.56 -21.46
CA VAL A 50 22.92 -8.00 -22.80
C VAL A 50 22.29 -8.97 -23.79
N LYS A 51 21.55 -8.43 -24.76
CA LYS A 51 20.97 -9.21 -25.85
C LYS A 51 21.97 -9.31 -26.99
N ALA A 52 22.25 -10.54 -27.46
CA ALA A 52 23.26 -10.75 -28.49
C ALA A 52 22.85 -11.87 -29.44
N TYR A 53 23.50 -11.87 -30.60
CA TYR A 53 23.32 -12.89 -31.61
C TYR A 53 24.62 -13.68 -31.67
N ASP A 54 24.53 -15.00 -31.47
CA ASP A 54 25.68 -15.88 -31.56
C ASP A 54 25.84 -16.28 -33.02
N ARG A 55 26.90 -15.80 -33.65
CA ARG A 55 27.08 -16.10 -35.07
C ARG A 55 27.34 -17.58 -35.32
N VAL A 56 28.01 -18.27 -34.38
CA VAL A 56 28.35 -19.68 -34.57
C VAL A 56 27.10 -20.55 -34.50
N GLU A 57 26.40 -20.52 -33.37
CA GLU A 57 25.19 -21.32 -33.22
C GLU A 57 23.98 -20.74 -33.93
N GLN A 58 24.05 -19.49 -34.36
CA GLN A 58 22.96 -18.81 -35.06
C GLN A 58 21.68 -18.75 -34.22
N GLU A 59 21.83 -18.15 -33.03
CA GLU A 59 20.68 -17.97 -32.16
C GLU A 59 20.87 -16.70 -31.36
N TRP A 60 19.76 -16.13 -30.92
CA TRP A 60 19.84 -15.05 -29.95
C TRP A 60 20.29 -15.66 -28.64
N VAL A 61 21.07 -14.90 -27.87
CA VAL A 61 21.50 -15.28 -26.53
C VAL A 61 21.37 -14.06 -25.64
N ALA A 62 21.28 -14.32 -24.35
CA ALA A 62 21.42 -13.29 -23.31
C ALA A 62 22.78 -13.50 -22.65
N ILE A 63 23.61 -12.46 -22.66
CA ILE A 63 24.93 -12.55 -22.05
C ILE A 63 24.95 -11.71 -20.79
N LYS A 64 25.23 -12.35 -19.66
CA LYS A 64 25.38 -11.70 -18.37
C LYS A 64 26.82 -11.24 -18.19
N ILE A 65 27.04 -9.92 -18.22
CA ILE A 65 28.38 -9.35 -18.09
C ILE A 65 28.59 -8.97 -16.63
N ILE A 66 29.45 -9.70 -15.97
CA ILE A 66 29.71 -9.48 -14.55
C ILE A 66 30.58 -8.25 -14.34
N LYS A 67 30.30 -7.51 -13.26
CA LYS A 67 31.13 -6.37 -12.89
C LYS A 67 32.60 -6.77 -12.76
N ASN A 68 33.47 -5.85 -13.14
CA ASN A 68 34.89 -6.10 -13.10
C ASN A 68 35.39 -5.76 -11.70
N LYS A 69 35.11 -6.65 -10.76
CA LYS A 69 35.41 -6.47 -9.36
C LYS A 69 35.42 -7.83 -8.68
N LYS A 70 36.40 -8.07 -7.81
CA LYS A 70 36.62 -9.42 -7.25
C LYS A 70 35.37 -9.98 -6.61
N ALA A 71 34.69 -9.16 -5.80
CA ALA A 71 33.54 -9.67 -5.05
C ALA A 71 32.48 -10.23 -5.99
N PHE A 72 32.20 -9.50 -7.09
CA PHE A 72 31.15 -9.94 -8.01
C PHE A 72 31.61 -11.12 -8.86
N LEU A 73 32.87 -11.07 -9.32
CA LEU A 73 33.45 -12.21 -10.03
C LEU A 73 33.36 -13.48 -9.19
N ASN A 74 33.63 -13.38 -7.89
CA ASN A 74 33.56 -14.57 -7.03
C ASN A 74 32.15 -15.12 -7.01
N GLN A 75 31.14 -14.25 -6.86
CA GLN A 75 29.75 -14.72 -6.90
C GLN A 75 29.45 -15.41 -8.25
N ALA A 76 29.87 -14.79 -9.38
CA ALA A 76 29.62 -15.42 -10.68
C ALA A 76 30.33 -16.77 -10.82
N GLN A 77 31.50 -16.94 -10.18
CA GLN A 77 32.19 -18.22 -10.24
C GLN A 77 31.39 -19.30 -9.52
N ILE A 78 30.75 -18.93 -8.41
CA ILE A 78 29.84 -19.85 -7.74
C ILE A 78 28.63 -20.16 -8.63
N GLU A 79 28.06 -19.13 -9.25
CA GLU A 79 26.90 -19.37 -10.12
C GLU A 79 27.26 -20.34 -11.23
N VAL A 80 28.42 -20.14 -11.88
CA VAL A 80 28.83 -21.04 -12.97
C VAL A 80 28.95 -22.47 -12.46
N ARG A 81 29.59 -22.65 -11.31
N ARG A 81 29.61 -22.65 -11.32
CA ARG A 81 29.72 -24.01 -10.78
CA ARG A 81 29.72 -24.00 -10.79
C ARG A 81 28.36 -24.63 -10.49
C ARG A 81 28.35 -24.63 -10.52
N LEU A 82 27.43 -23.85 -9.95
CA LEU A 82 26.10 -24.40 -9.66
C LEU A 82 25.33 -24.70 -10.94
N LEU A 83 25.42 -23.84 -11.97
CA LEU A 83 24.69 -24.13 -13.21
C LEU A 83 25.29 -25.32 -13.97
N GLU A 84 26.61 -25.42 -13.97
CA GLU A 84 27.24 -26.56 -14.61
C GLU A 84 26.87 -27.86 -13.93
N LEU A 85 26.70 -27.84 -12.60
CA LEU A 85 26.33 -29.07 -11.92
C LEU A 85 24.87 -29.41 -12.16
N MET A 86 24.03 -28.40 -12.36
CA MET A 86 22.66 -28.63 -12.75
C MET A 86 22.57 -29.20 -14.16
N ASN A 87 23.41 -28.71 -15.10
CA ASN A 87 23.38 -29.21 -16.47
C ASN A 87 23.69 -30.70 -16.50
N LYS A 88 24.50 -31.18 -15.56
CA LYS A 88 24.84 -32.59 -15.57
C LYS A 88 23.65 -33.47 -15.20
N HIS A 89 22.66 -32.92 -14.50
CA HIS A 89 21.46 -33.66 -14.15
C HIS A 89 20.24 -33.27 -15.00
N ASP A 90 20.25 -32.07 -15.57
CA ASP A 90 19.15 -31.52 -16.40
C ASP A 90 19.62 -31.35 -17.85
N THR A 91 19.87 -32.46 -18.55
CA THR A 91 20.26 -32.35 -19.95
C THR A 91 19.05 -32.18 -20.86
N GLU A 92 17.90 -32.78 -20.51
CA GLU A 92 16.65 -32.53 -21.22
C GLU A 92 16.10 -31.12 -20.97
N MET A 93 16.52 -30.45 -19.88
CA MET A 93 16.09 -29.10 -19.49
C MET A 93 14.62 -29.04 -19.10
N LYS A 94 13.98 -30.19 -18.89
CA LYS A 94 12.57 -30.24 -18.49
C LYS A 94 12.35 -29.59 -17.13
N TYR A 95 13.39 -29.47 -16.33
CA TYR A 95 13.33 -28.72 -15.09
C TYR A 95 13.64 -27.25 -15.38
N TYR A 96 12.89 -26.37 -14.72
CA TYR A 96 12.62 -24.99 -15.13
C TYR A 96 13.68 -24.00 -14.68
N ILE A 97 14.95 -24.30 -14.98
CA ILE A 97 16.07 -23.44 -14.63
C ILE A 97 16.67 -22.89 -15.90
N VAL A 98 17.01 -21.61 -15.89
CA VAL A 98 17.63 -21.03 -17.08
C VAL A 98 18.89 -21.83 -17.41
N HIS A 99 19.14 -22.03 -18.70
CA HIS A 99 20.25 -22.88 -19.11
C HIS A 99 21.48 -22.06 -19.47
N LEU A 100 22.61 -22.36 -18.83
CA LEU A 100 23.88 -21.71 -19.14
C LEU A 100 24.52 -22.45 -20.31
N LYS A 101 24.80 -21.74 -21.40
CA LYS A 101 25.39 -22.39 -22.56
C LYS A 101 26.90 -22.50 -22.44
N ARG A 102 27.57 -21.44 -22.03
CA ARG A 102 29.02 -21.43 -21.83
C ARG A 102 29.37 -20.14 -21.12
N HIS A 103 30.66 -19.95 -20.87
CA HIS A 103 31.10 -18.68 -20.30
C HIS A 103 32.47 -18.36 -20.90
N PHE A 104 32.84 -17.07 -20.84
CA PHE A 104 34.15 -16.65 -21.30
C PHE A 104 34.52 -15.35 -20.59
N MET A 105 35.79 -15.03 -20.63
CA MET A 105 36.30 -13.75 -20.16
C MET A 105 36.42 -12.81 -21.35
N PHE A 106 36.01 -11.55 -21.15
CA PHE A 106 36.07 -10.55 -22.22
C PHE A 106 36.37 -9.19 -21.59
N ARG A 107 37.49 -8.57 -21.97
CA ARG A 107 37.92 -7.28 -21.45
C ARG A 107 37.79 -7.22 -19.93
N ASN A 108 38.33 -8.26 -19.28
CA ASN A 108 38.37 -8.40 -17.83
C ASN A 108 36.98 -8.50 -17.21
N HIS A 109 36.01 -9.00 -17.96
CA HIS A 109 34.67 -9.24 -17.44
C HIS A 109 34.32 -10.70 -17.68
N LEU A 110 33.87 -11.38 -16.63
CA LEU A 110 33.36 -12.72 -16.82
C LEU A 110 31.98 -12.60 -17.47
N CYS A 111 31.75 -13.36 -18.53
CA CYS A 111 30.51 -13.32 -19.28
C CYS A 111 29.88 -14.71 -19.27
N LEU A 112 28.63 -14.79 -18.85
CA LEU A 112 27.86 -16.02 -18.85
C LEU A 112 26.85 -15.94 -19.98
N VAL A 113 26.84 -16.94 -20.86
CA VAL A 113 25.96 -16.94 -22.01
C VAL A 113 24.76 -17.83 -21.73
N PHE A 114 23.58 -17.24 -21.74
CA PHE A 114 22.34 -17.93 -21.42
C PHE A 114 21.40 -18.01 -22.63
N GLU A 115 20.48 -18.96 -22.59
CA GLU A 115 19.34 -18.89 -23.50
C GLU A 115 18.60 -17.58 -23.27
N MET A 116 18.04 -17.03 -24.35
CA MET A 116 17.32 -15.76 -24.23
C MET A 116 15.91 -16.00 -23.76
N LEU A 117 15.51 -15.27 -22.74
CA LEU A 117 14.17 -15.35 -22.20
C LEU A 117 13.50 -13.99 -22.38
N SER A 118 12.25 -13.90 -21.91
CA SER A 118 11.52 -12.63 -21.89
C SER A 118 11.68 -11.94 -20.53
N TYR A 119 10.73 -11.10 -20.12
CA TYR A 119 10.90 -10.28 -18.94
C TYR A 119 10.45 -11.01 -17.65
N ASN A 120 10.67 -10.37 -16.50
CA ASN A 120 10.51 -11.08 -15.24
C ASN A 120 9.10 -10.90 -14.68
N LEU A 121 8.83 -11.65 -13.62
CA LEU A 121 7.49 -11.65 -13.05
C LEU A 121 7.13 -10.32 -12.40
N TYR A 122 8.11 -9.52 -11.96
CA TYR A 122 7.78 -8.17 -11.50
C TYR A 122 7.27 -7.31 -12.66
N ASP A 123 7.97 -7.35 -13.81
CA ASP A 123 7.48 -6.68 -15.01
C ASP A 123 6.08 -7.15 -15.39
N LEU A 124 5.80 -8.45 -15.24
CA LEU A 124 4.45 -8.92 -15.56
C LEU A 124 3.42 -8.27 -14.66
N LEU A 125 3.74 -8.13 -13.37
CA LEU A 125 2.83 -7.44 -12.45
C LEU A 125 2.64 -5.99 -12.84
N ARG A 126 3.71 -5.33 -13.30
CA ARG A 126 3.56 -3.92 -13.67
C ARG A 126 2.67 -3.76 -14.90
N ASN A 127 2.68 -4.74 -15.80
CA ASN A 127 1.85 -4.65 -17.00
C ASN A 127 0.39 -4.79 -16.65
N THR A 128 0.14 -5.50 -15.57
CA THR A 128 -1.11 -5.65 -14.87
C THR A 128 -1.52 -4.42 -14.05
N ASN A 129 -0.71 -3.36 -14.07
CA ASN A 129 -0.83 -2.26 -13.07
C ASN A 129 -1.03 -2.78 -11.65
N PHE A 130 -0.24 -3.81 -11.28
CA PHE A 130 -0.22 -4.35 -9.92
C PHE A 130 -1.62 -4.79 -9.46
N ARG A 131 -2.45 -5.21 -10.43
CA ARG A 131 -3.73 -5.82 -10.09
C ARG A 131 -3.63 -7.34 -9.91
N GLY A 132 -2.49 -7.96 -10.24
CA GLY A 132 -2.32 -9.39 -10.12
C GLY A 132 -2.64 -10.12 -11.42
N VAL A 133 -2.06 -11.33 -11.56
CA VAL A 133 -2.42 -12.24 -12.64
C VAL A 133 -3.51 -13.14 -12.08
N SER A 134 -4.15 -13.91 -12.97
CA SER A 134 -5.23 -14.77 -12.57
C SER A 134 -4.76 -15.93 -11.68
N LEU A 135 -5.73 -16.51 -10.99
CA LEU A 135 -5.49 -17.70 -10.19
C LEU A 135 -5.05 -18.89 -11.06
N ASN A 136 -5.60 -19.02 -12.27
CA ASN A 136 -5.13 -20.09 -13.17
C ASN A 136 -3.67 -19.90 -13.55
N LEU A 137 -3.29 -18.67 -13.92
CA LEU A 137 -1.88 -18.43 -14.23
C LEU A 137 -1.02 -18.62 -12.99
N THR A 138 -1.49 -18.13 -11.83
CA THR A 138 -0.75 -18.35 -10.60
C THR A 138 -0.50 -19.84 -10.37
N ARG A 139 -1.54 -20.68 -10.51
CA ARG A 139 -1.37 -22.12 -10.35
C ARG A 139 -0.30 -22.65 -11.29
N LYS A 140 -0.29 -22.18 -12.55
CA LYS A 140 0.72 -22.65 -13.49
C LYS A 140 2.10 -22.21 -13.05
N PHE A 141 2.23 -20.97 -12.56
CA PHE A 141 3.52 -20.54 -12.04
C PHE A 141 3.93 -21.39 -10.85
N ALA A 142 2.98 -21.66 -9.94
CA ALA A 142 3.25 -22.44 -8.73
C ALA A 142 3.70 -23.86 -9.07
N GLN A 143 3.03 -24.49 -10.04
CA GLN A 143 3.41 -25.84 -10.43
C GLN A 143 4.83 -25.89 -10.98
N GLN A 144 5.21 -24.92 -11.81
CA GLN A 144 6.55 -24.95 -12.38
C GLN A 144 7.59 -24.67 -11.33
N MET A 145 7.32 -23.76 -10.37
CA MET A 145 8.32 -23.49 -9.33
C MET A 145 8.46 -24.64 -8.33
N CYS A 146 7.38 -25.34 -8.02
CA CYS A 146 7.53 -26.54 -7.20
C CYS A 146 8.36 -27.58 -7.96
N THR A 147 8.18 -27.69 -9.27
CA THR A 147 8.98 -28.67 -10.00
C THR A 147 10.45 -28.26 -10.00
N ALA A 148 10.73 -26.97 -10.16
CA ALA A 148 12.08 -26.46 -10.05
C ALA A 148 12.66 -26.73 -8.66
N LEU A 149 11.86 -26.50 -7.60
CA LEU A 149 12.38 -26.75 -6.25
C LEU A 149 12.61 -28.23 -6.01
N LEU A 150 11.76 -29.08 -6.59
CA LEU A 150 12.01 -30.52 -6.58
C LEU A 150 13.35 -30.83 -7.23
N PHE A 151 13.62 -30.23 -8.39
CA PHE A 151 14.87 -30.52 -9.06
C PHE A 151 16.06 -30.07 -8.20
N LEU A 152 15.99 -28.88 -7.62
CA LEU A 152 17.09 -28.39 -6.76
C LEU A 152 17.28 -29.26 -5.51
N ALA A 153 16.22 -29.91 -5.04
CA ALA A 153 16.31 -30.78 -3.85
C ALA A 153 16.91 -32.13 -4.17
N THR A 154 17.20 -32.43 -5.44
CA THR A 154 17.88 -33.67 -5.76
C THR A 154 19.11 -33.81 -4.85
N PRO A 155 19.26 -34.92 -4.13
CA PRO A 155 20.34 -35.00 -3.12
C PRO A 155 21.72 -34.64 -3.64
N GLU A 156 22.11 -35.11 -4.84
CA GLU A 156 23.42 -34.73 -5.37
C GLU A 156 23.52 -33.24 -5.67
N LEU A 157 22.40 -32.52 -5.73
CA LEU A 157 22.43 -31.07 -5.90
C LEU A 157 22.26 -30.37 -4.55
N SER A 158 21.10 -30.53 -3.92
CA SER A 158 20.79 -29.85 -2.65
C SER A 158 21.14 -28.36 -2.72
N ILE A 159 20.62 -27.68 -3.74
CA ILE A 159 20.95 -26.28 -3.98
C ILE A 159 19.86 -25.40 -3.40
N ILE A 160 20.28 -24.40 -2.64
CA ILE A 160 19.39 -23.38 -2.09
C ILE A 160 19.57 -22.14 -2.95
N HIS A 161 18.48 -21.67 -3.58
CA HIS A 161 18.63 -20.52 -4.44
C HIS A 161 19.00 -19.26 -3.65
N CYS A 162 18.32 -19.03 -2.52
CA CYS A 162 18.55 -17.97 -1.52
C CYS A 162 18.13 -16.59 -2.00
N ASP A 163 17.53 -16.46 -3.18
CA ASP A 163 17.07 -15.14 -3.56
C ASP A 163 15.89 -15.25 -4.50
N LEU A 164 14.98 -16.18 -4.22
CA LEU A 164 13.77 -16.24 -5.03
C LEU A 164 12.94 -15.01 -4.76
N LYS A 165 12.47 -14.38 -5.83
CA LYS A 165 11.59 -13.21 -5.78
C LYS A 165 11.04 -13.00 -7.19
N PRO A 166 10.04 -12.14 -7.39
CA PRO A 166 9.47 -12.01 -8.74
C PRO A 166 10.50 -11.62 -9.79
N GLU A 167 11.50 -10.80 -9.45
CA GLU A 167 12.47 -10.41 -10.47
C GLU A 167 13.43 -11.53 -10.83
N ASN A 168 13.48 -12.61 -10.06
CA ASN A 168 14.37 -13.71 -10.40
C ASN A 168 13.66 -14.84 -11.11
N ILE A 169 12.42 -14.62 -11.53
CA ILE A 169 11.68 -15.58 -12.31
C ILE A 169 11.34 -14.93 -13.65
N LEU A 170 11.74 -15.57 -14.74
CA LEU A 170 11.55 -15.00 -16.07
C LEU A 170 10.53 -15.79 -16.84
N LEU A 171 9.70 -15.08 -17.60
CA LEU A 171 8.86 -15.72 -18.59
C LEU A 171 9.76 -16.13 -19.74
N CYS A 172 9.46 -17.29 -20.32
CA CYS A 172 10.16 -17.65 -21.55
C CYS A 172 9.74 -16.73 -22.68
N ASN A 173 8.47 -16.34 -22.69
CA ASN A 173 7.86 -15.63 -23.80
C ASN A 173 6.64 -14.90 -23.31
N PRO A 174 6.42 -13.67 -23.72
CA PRO A 174 5.25 -12.92 -23.21
C PRO A 174 3.92 -13.62 -23.49
N LYS A 175 3.84 -14.47 -24.51
CA LYS A 175 2.56 -15.07 -24.88
C LYS A 175 2.34 -16.44 -24.28
N ARG A 176 3.24 -16.90 -23.40
N ARG A 176 3.23 -16.90 -23.39
CA ARG A 176 3.13 -18.23 -22.82
CA ARG A 176 3.11 -18.23 -22.81
C ARG A 176 3.24 -18.15 -21.30
C ARG A 176 3.29 -18.16 -21.30
N SER A 177 2.88 -19.24 -20.64
CA SER A 177 2.95 -19.34 -19.20
C SER A 177 4.24 -19.96 -18.69
N ALA A 178 5.14 -20.40 -19.57
CA ALA A 178 6.40 -21.01 -19.12
C ALA A 178 7.31 -20.01 -18.41
N ILE A 179 7.92 -20.45 -17.30
CA ILE A 179 8.87 -19.62 -16.55
C ILE A 179 10.15 -20.41 -16.25
N LYS A 180 11.21 -19.68 -15.91
CA LYS A 180 12.46 -20.28 -15.47
C LYS A 180 13.02 -19.44 -14.34
N ILE A 181 13.73 -20.09 -13.44
CA ILE A 181 14.45 -19.40 -12.36
C ILE A 181 15.79 -18.94 -12.90
N VAL A 182 16.17 -17.69 -12.59
CA VAL A 182 17.47 -17.18 -12.99
C VAL A 182 18.24 -16.73 -11.75
N ASP A 183 19.55 -16.56 -11.97
CA ASP A 183 20.49 -15.91 -11.08
C ASP A 183 20.85 -16.74 -9.84
N PHE A 184 21.92 -17.54 -9.93
CA PHE A 184 22.35 -18.32 -8.79
C PHE A 184 23.62 -17.76 -8.15
N GLY A 185 23.85 -16.44 -8.27
CA GLY A 185 25.01 -15.81 -7.64
C GLY A 185 24.95 -15.74 -6.11
N SER A 186 23.76 -15.76 -5.51
CA SER A 186 23.67 -15.83 -4.05
C SER A 186 23.46 -17.25 -3.55
N SER A 187 23.51 -18.23 -4.45
CA SER A 187 23.08 -19.56 -4.10
C SER A 187 24.21 -20.39 -3.48
N CYS A 188 23.83 -21.53 -2.96
CA CYS A 188 24.78 -22.38 -2.27
C CYS A 188 24.21 -23.77 -2.22
N GLN A 189 25.02 -24.72 -1.76
CA GLN A 189 24.56 -26.06 -1.47
C GLN A 189 24.55 -26.29 0.04
N LEU A 190 23.71 -27.22 0.45
CA LEU A 190 23.61 -27.65 1.84
C LEU A 190 25.00 -27.97 2.38
N GLY A 191 25.34 -27.44 3.55
CA GLY A 191 26.63 -27.72 4.14
C GLY A 191 27.73 -26.71 3.85
N GLN A 192 27.40 -25.55 3.30
CA GLN A 192 28.40 -24.52 3.09
C GLN A 192 28.24 -23.44 4.17
N ARG A 193 28.76 -22.23 3.92
CA ARG A 193 28.66 -21.16 4.92
C ARG A 193 27.21 -20.77 5.18
N ILE A 194 26.92 -20.42 6.41
CA ILE A 194 25.59 -20.01 6.82
C ILE A 194 25.63 -18.51 7.12
N TYR A 195 24.74 -17.75 6.49
CA TYR A 195 24.82 -16.30 6.57
C TYR A 195 23.63 -15.68 7.30
N GLN A 196 23.88 -14.48 7.83
CA GLN A 196 22.83 -13.56 8.23
C GLN A 196 22.43 -12.71 7.01
N PTR A 197 21.26 -12.09 7.08
CA PTR A 197 20.84 -11.15 6.05
C PTR A 197 20.94 -11.67 4.61
O PTR A 197 21.32 -10.91 3.73
CB PTR A 197 21.65 -9.84 6.20
CG PTR A 197 21.01 -8.86 7.19
CD1 PTR A 197 21.29 -8.93 8.55
CD2 PTR A 197 20.13 -7.88 6.76
CE1 PTR A 197 20.71 -8.05 9.45
CE2 PTR A 197 19.54 -6.98 7.64
CZ PTR A 197 19.82 -7.06 9.01
OH PTR A 197 19.27 -6.22 9.90
P PTR A 197 18.48 -4.80 9.71
O1P PTR A 197 19.42 -3.80 9.17
O2P PTR A 197 17.29 -4.90 8.71
O3P PTR A 197 17.96 -4.39 11.11
N ILE A 198 20.62 -12.94 4.37
CA ILE A 198 20.50 -13.40 3.00
C ILE A 198 19.02 -13.37 2.66
N GLN A 199 18.73 -13.60 1.38
CA GLN A 199 17.40 -13.49 0.81
C GLN A 199 16.96 -12.02 0.77
N SER A 200 16.27 -11.62 -0.30
CA SER A 200 15.70 -10.28 -0.32
C SER A 200 14.66 -10.17 0.78
N ARG A 201 14.61 -8.99 1.41
CA ARG A 201 13.96 -8.86 2.72
C ARG A 201 12.50 -9.30 2.68
N PHE A 202 11.71 -8.81 1.69
CA PHE A 202 10.29 -9.20 1.60
C PHE A 202 10.12 -10.73 1.60
N TYR A 203 11.11 -11.46 1.10
CA TYR A 203 11.01 -12.90 0.89
C TYR A 203 11.88 -13.69 1.85
N ARG A 204 12.40 -13.03 2.89
CA ARG A 204 13.34 -13.63 3.83
C ARG A 204 12.57 -14.50 4.84
N SER A 205 13.01 -15.76 5.02
CA SER A 205 12.32 -16.69 5.92
C SER A 205 12.49 -16.32 7.40
N PRO A 206 11.58 -16.80 8.28
CA PRO A 206 11.79 -16.56 9.71
C PRO A 206 13.09 -17.15 10.25
N GLU A 207 13.48 -18.36 9.81
CA GLU A 207 14.77 -18.95 10.21
C GLU A 207 15.92 -17.97 9.99
N VAL A 208 15.96 -17.35 8.80
CA VAL A 208 17.08 -16.47 8.48
C VAL A 208 16.98 -15.17 9.27
N LEU A 209 15.77 -14.63 9.44
CA LEU A 209 15.62 -13.46 10.28
C LEU A 209 16.09 -13.72 11.71
N LEU A 210 15.78 -14.91 12.25
CA LEU A 210 16.11 -15.28 13.61
C LEU A 210 17.55 -15.76 13.76
N GLY A 211 18.33 -15.72 12.68
CA GLY A 211 19.72 -16.13 12.72
C GLY A 211 19.91 -17.60 12.97
N MET A 212 18.97 -18.44 12.53
CA MET A 212 19.05 -19.87 12.77
C MET A 212 19.69 -20.56 11.56
N PRO A 213 20.12 -21.80 11.72
CA PRO A 213 20.51 -22.61 10.56
C PRO A 213 19.32 -22.81 9.62
N TYR A 214 19.62 -22.89 8.33
CA TYR A 214 18.57 -22.96 7.33
C TYR A 214 18.94 -23.94 6.23
N ASP A 215 17.92 -24.36 5.48
CA ASP A 215 18.14 -25.34 4.42
C ASP A 215 17.24 -24.95 3.24
N LEU A 216 16.97 -25.93 2.37
CA LEU A 216 16.19 -25.67 1.17
C LEU A 216 14.77 -25.14 1.45
N ALA A 217 14.29 -25.27 2.68
CA ALA A 217 12.95 -24.79 2.99
C ALA A 217 12.84 -23.26 2.89
N ILE A 218 13.95 -22.52 2.98
CA ILE A 218 13.84 -21.07 2.86
C ILE A 218 13.38 -20.68 1.45
N ASP A 219 13.64 -21.51 0.42
CA ASP A 219 13.11 -21.20 -0.90
C ASP A 219 11.60 -21.41 -0.97
N MET A 220 11.09 -22.38 -0.21
CA MET A 220 9.66 -22.63 -0.17
C MET A 220 8.94 -21.48 0.51
N TRP A 221 9.54 -20.94 1.58
CA TRP A 221 8.98 -19.75 2.20
C TRP A 221 8.89 -18.62 1.18
N SER A 222 9.98 -18.38 0.45
CA SER A 222 9.95 -17.34 -0.57
C SER A 222 8.86 -17.63 -1.60
N LEU A 223 8.80 -18.88 -2.07
CA LEU A 223 7.79 -19.24 -3.06
C LEU A 223 6.39 -18.87 -2.58
N GLY A 224 6.06 -19.23 -1.33
CA GLY A 224 4.75 -18.88 -0.78
C GLY A 224 4.46 -17.39 -0.86
N CYS A 225 5.44 -16.56 -0.47
CA CYS A 225 5.27 -15.11 -0.57
C CYS A 225 5.10 -14.65 -2.01
N ILE A 226 5.86 -15.25 -2.93
CA ILE A 226 5.80 -14.85 -4.33
C ILE A 226 4.42 -15.12 -4.90
N LEU A 227 3.89 -16.33 -4.67
CA LEU A 227 2.61 -16.71 -5.27
C LEU A 227 1.48 -15.80 -4.82
N VAL A 228 1.45 -15.41 -3.54
CA VAL A 228 0.40 -14.49 -3.10
C VAL A 228 0.55 -13.15 -3.79
N GLU A 229 1.78 -12.64 -3.82
CA GLU A 229 2.06 -11.40 -4.55
C GLU A 229 1.57 -11.50 -5.99
N MET A 230 1.80 -12.64 -6.65
CA MET A 230 1.50 -12.70 -8.08
C MET A 230 0.00 -12.53 -8.33
N HIS A 231 -0.83 -12.95 -7.38
CA HIS A 231 -2.27 -12.81 -7.50
C HIS A 231 -2.80 -11.49 -6.93
N THR A 232 -2.26 -11.02 -5.80
CA THR A 232 -2.72 -9.75 -5.21
C THR A 232 -2.11 -8.57 -5.93
N GLY A 233 -0.92 -8.73 -6.51
CA GLY A 233 -0.16 -7.66 -7.10
C GLY A 233 0.83 -6.96 -6.18
N GLU A 234 0.82 -7.27 -4.87
CA GLU A 234 1.68 -6.55 -3.93
C GLU A 234 2.40 -7.52 -3.00
N PRO A 235 3.57 -7.18 -2.52
CA PRO A 235 4.27 -8.06 -1.57
C PRO A 235 3.40 -8.40 -0.38
N LEU A 236 3.48 -9.66 0.06
CA LEU A 236 2.73 -10.07 1.23
C LEU A 236 3.31 -9.46 2.49
N PHE A 237 4.63 -9.42 2.61
CA PHE A 237 5.35 -8.92 3.79
C PHE A 237 6.39 -7.89 3.35
N SER A 238 6.03 -6.61 3.35
CA SER A 238 6.93 -5.59 2.83
C SER A 238 7.62 -4.86 3.97
N GLY A 239 8.59 -5.54 4.59
CA GLY A 239 9.34 -4.91 5.68
C GLY A 239 10.34 -3.87 5.15
N ALA A 240 10.37 -2.72 5.83
CA ALA A 240 11.38 -1.71 5.56
C ALA A 240 12.74 -2.07 6.15
N ASN A 241 12.74 -2.97 7.13
CA ASN A 241 13.93 -3.44 7.83
C ASN A 241 13.53 -4.76 8.50
N GLU A 242 14.48 -5.41 9.18
CA GLU A 242 14.23 -6.75 9.70
C GLU A 242 13.12 -6.75 10.76
N VAL A 243 13.10 -5.75 11.66
CA VAL A 243 12.10 -5.70 12.71
C VAL A 243 10.71 -5.48 12.11
N ASP A 244 10.60 -4.51 11.21
CA ASP A 244 9.35 -4.31 10.49
C ASP A 244 8.96 -5.58 9.72
N GLN A 245 9.95 -6.24 9.11
CA GLN A 245 9.68 -7.47 8.37
C GLN A 245 9.12 -8.55 9.29
N MET A 246 9.77 -8.79 10.43
CA MET A 246 9.29 -9.80 11.35
C MET A 246 7.89 -9.43 11.84
N ASN A 247 7.67 -8.15 12.13
CA ASN A 247 6.36 -7.78 12.66
C ASN A 247 5.27 -7.97 11.62
N LYS A 248 5.55 -7.69 10.36
CA LYS A 248 4.54 -7.90 9.35
C LYS A 248 4.24 -9.38 9.13
N ILE A 249 5.23 -10.24 9.29
CA ILE A 249 4.96 -11.69 9.23
C ILE A 249 4.03 -12.09 10.37
N VAL A 250 4.32 -11.61 11.60
CA VAL A 250 3.55 -11.94 12.79
C VAL A 250 2.11 -11.41 12.68
N GLU A 251 1.89 -10.33 11.94
CA GLU A 251 0.51 -9.89 11.73
C GLU A 251 -0.32 -10.97 11.10
N VAL A 252 0.23 -11.67 10.12
CA VAL A 252 -0.56 -12.66 9.37
C VAL A 252 -0.53 -14.04 10.04
N LEU A 253 0.63 -14.47 10.51
CA LEU A 253 0.81 -15.85 10.93
C LEU A 253 0.90 -16.03 12.43
N GLY A 254 0.83 -14.95 13.22
CA GLY A 254 0.98 -15.08 14.66
C GLY A 254 2.43 -15.13 15.12
N ILE A 255 2.59 -15.27 16.44
CA ILE A 255 3.91 -15.37 17.08
C ILE A 255 4.53 -16.72 16.75
N PRO A 256 5.82 -16.80 16.43
CA PRO A 256 6.43 -18.10 16.10
C PRO A 256 6.38 -19.03 17.30
N PRO A 257 6.47 -20.35 17.08
CA PRO A 257 6.37 -21.30 18.20
C PRO A 257 7.46 -21.09 19.24
N ALA A 258 7.09 -21.30 20.51
CA ALA A 258 8.05 -21.09 21.59
C ALA A 258 9.34 -21.92 21.42
N HIS A 259 9.21 -23.18 20.96
CA HIS A 259 10.40 -24.03 20.79
C HIS A 259 11.35 -23.46 19.75
N ILE A 260 10.85 -22.72 18.78
CA ILE A 260 11.77 -22.14 17.80
C ILE A 260 12.41 -20.88 18.37
N LEU A 261 11.62 -20.03 19.02
CA LEU A 261 12.18 -18.80 19.56
C LEU A 261 13.21 -19.10 20.65
N ASP A 262 13.00 -20.17 21.44
CA ASP A 262 13.98 -20.53 22.45
C ASP A 262 15.32 -20.85 21.83
N GLN A 263 15.33 -21.37 20.59
CA GLN A 263 16.57 -21.75 19.92
C GLN A 263 17.15 -20.64 19.06
N ALA A 264 16.46 -19.51 18.92
CA ALA A 264 16.86 -18.51 17.92
C ALA A 264 17.87 -17.53 18.47
N PRO A 265 19.08 -17.46 17.91
CA PRO A 265 20.06 -16.48 18.43
C PRO A 265 19.58 -15.04 18.37
N LYS A 266 18.80 -14.66 17.35
CA LYS A 266 18.35 -13.27 17.23
C LYS A 266 16.91 -13.05 17.72
N ALA A 267 16.39 -13.94 18.55
CA ALA A 267 15.01 -13.81 19.02
C ALA A 267 14.79 -12.48 19.74
N ARG A 268 15.68 -12.12 20.64
CA ARG A 268 15.54 -10.89 21.42
C ARG A 268 15.61 -9.65 20.57
N LYS A 269 15.86 -9.75 19.26
CA LYS A 269 15.82 -8.55 18.48
C LYS A 269 14.38 -8.15 18.12
N PHE A 270 13.44 -9.12 18.18
CA PHE A 270 12.04 -8.89 17.85
C PHE A 270 11.09 -9.26 18.98
N PHE A 271 11.47 -10.17 19.87
CA PHE A 271 10.57 -10.68 20.89
C PHE A 271 11.21 -10.58 22.27
N GLU A 272 10.34 -10.59 23.29
CA GLU A 272 10.72 -10.72 24.69
C GLU A 272 9.85 -11.77 25.39
N LYS A 273 10.39 -12.31 26.48
CA LYS A 273 9.71 -13.26 27.33
C LYS A 273 9.16 -12.51 28.54
N LEU A 274 7.87 -12.68 28.81
CA LEU A 274 7.29 -12.16 30.04
C LEU A 274 7.71 -13.02 31.24
N PRO A 275 7.51 -12.53 32.47
CA PRO A 275 7.88 -13.35 33.64
C PRO A 275 7.32 -14.76 33.62
N ASP A 276 6.12 -14.96 33.07
CA ASP A 276 5.53 -16.29 33.01
C ASP A 276 6.22 -17.22 32.01
N GLY A 277 7.17 -16.72 31.21
CA GLY A 277 7.82 -17.55 30.21
C GLY A 277 7.29 -17.39 28.79
N THR A 278 6.17 -16.70 28.60
CA THR A 278 5.62 -16.58 27.25
C THR A 278 6.35 -15.53 26.43
N TRP A 279 6.40 -15.80 25.12
CA TRP A 279 7.05 -14.91 24.17
C TRP A 279 6.04 -13.91 23.62
N ASN A 280 6.46 -12.65 23.56
CA ASN A 280 5.64 -11.54 23.09
C ASN A 280 6.49 -10.66 22.19
N LEU A 281 5.84 -9.86 21.36
CA LEU A 281 6.57 -8.92 20.51
C LEU A 281 7.18 -7.79 21.35
N LYS A 282 8.41 -7.41 21.03
CA LYS A 282 8.95 -6.18 21.60
C LYS A 282 8.27 -5.00 20.95
N LYS A 283 8.00 -3.96 21.74
CA LYS A 283 7.41 -2.73 21.24
C LYS A 283 8.51 -1.69 21.02
N THR A 284 8.52 -1.10 19.82
CA THR A 284 9.58 -0.17 19.40
C THR A 284 9.38 1.23 19.96
N LYS A 288 5.51 6.56 16.21
CA LYS A 288 6.00 5.21 15.93
C LYS A 288 4.94 4.41 15.14
N ARG A 289 5.32 3.18 14.75
N ARG A 289 5.32 3.19 14.74
CA ARG A 289 4.44 2.27 14.03
CA ARG A 289 4.42 2.29 14.03
C ARG A 289 3.76 1.33 15.02
C ARG A 289 3.76 1.34 15.01
N GLU A 290 2.46 1.09 14.82
CA GLU A 290 1.71 0.12 15.60
C GLU A 290 1.16 -0.95 14.66
N TYR A 291 1.24 -2.21 15.06
CA TYR A 291 0.88 -3.33 14.20
C TYR A 291 -0.46 -3.94 14.60
N LYS A 292 -1.09 -4.61 13.64
CA LYS A 292 -2.26 -5.40 13.99
C LYS A 292 -1.83 -6.48 14.97
N PRO A 293 -2.69 -6.87 15.90
CA PRO A 293 -2.29 -7.91 16.86
C PRO A 293 -1.93 -9.17 16.13
N PRO A 294 -1.07 -10.00 16.73
CA PRO A 294 -0.54 -11.20 16.05
C PRO A 294 -1.63 -12.09 15.43
N GLY A 295 -1.41 -12.50 14.19
CA GLY A 295 -2.33 -13.44 13.59
C GLY A 295 -3.70 -12.89 13.23
N THR A 296 -3.90 -11.55 13.29
CA THR A 296 -5.21 -11.00 12.98
C THR A 296 -5.34 -10.50 11.55
N ARG A 297 -4.23 -10.37 10.81
CA ARG A 297 -4.34 -10.04 9.38
C ARG A 297 -4.45 -11.38 8.64
N LYS A 298 -5.68 -11.88 8.56
CA LYS A 298 -5.88 -13.24 8.07
C LYS A 298 -5.67 -13.33 6.56
N LEU A 299 -4.89 -14.33 6.14
CA LEU A 299 -4.65 -14.49 4.71
C LEU A 299 -5.96 -14.79 3.97
N HIS A 300 -6.92 -15.41 4.65
CA HIS A 300 -8.25 -15.61 4.11
C HIS A 300 -8.80 -14.33 3.52
N ASN A 301 -8.51 -13.20 4.15
CA ASN A 301 -9.05 -11.93 3.72
C ASN A 301 -8.11 -11.14 2.79
N ILE A 302 -6.79 -11.32 2.91
CA ILE A 302 -5.88 -10.78 1.91
C ILE A 302 -6.20 -11.34 0.54
N LEU A 303 -6.49 -12.65 0.45
CA LEU A 303 -6.94 -13.23 -0.81
C LEU A 303 -8.43 -13.03 -1.08
N GLY A 304 -9.21 -12.54 -0.12
CA GLY A 304 -10.62 -12.31 -0.39
C GLY A 304 -11.33 -13.58 -0.88
N VAL A 305 -11.19 -14.64 -0.08
CA VAL A 305 -11.67 -15.98 -0.43
C VAL A 305 -13.16 -15.98 -0.71
N GLU A 306 -13.94 -15.28 0.12
CA GLU A 306 -15.38 -15.26 -0.05
C GLU A 306 -15.89 -13.98 -0.68
N THR A 307 -15.00 -13.11 -1.14
CA THR A 307 -15.42 -11.74 -1.46
C THR A 307 -14.88 -11.29 -2.82
N GLY A 308 -14.68 -12.24 -3.72
CA GLY A 308 -14.26 -11.94 -5.07
C GLY A 308 -12.78 -11.75 -5.28
N GLY A 309 -11.93 -12.44 -4.53
CA GLY A 309 -10.51 -12.32 -4.74
C GLY A 309 -9.97 -11.02 -4.18
N PRO A 310 -8.71 -10.73 -4.47
CA PRO A 310 -8.07 -9.54 -3.85
C PRO A 310 -8.72 -8.26 -4.34
N GLY A 311 -9.14 -7.44 -3.38
CA GLY A 311 -9.85 -6.22 -3.68
C GLY A 311 -11.19 -6.42 -4.38
N GLY A 312 -11.66 -7.66 -4.49
CA GLY A 312 -12.88 -7.90 -5.22
C GLY A 312 -12.68 -7.92 -6.72
N ARG A 313 -11.45 -7.85 -7.20
CA ARG A 313 -11.17 -7.72 -8.63
C ARG A 313 -11.48 -8.97 -9.40
N ARG A 314 -11.85 -10.06 -8.72
CA ARG A 314 -12.15 -11.30 -9.42
C ARG A 314 -13.62 -11.65 -9.30
N ALA A 315 -14.41 -10.74 -8.75
CA ALA A 315 -15.84 -11.00 -8.62
C ALA A 315 -16.44 -11.29 -9.99
N GLY A 316 -17.25 -12.35 -10.07
CA GLY A 316 -18.01 -12.63 -11.27
C GLY A 316 -17.18 -13.23 -12.37
N GLU A 317 -16.00 -13.73 -12.04
CA GLU A 317 -15.03 -14.20 -13.01
C GLU A 317 -14.84 -15.69 -12.83
N SER A 318 -14.81 -16.43 -13.93
CA SER A 318 -14.63 -17.88 -13.86
C SER A 318 -13.20 -18.21 -13.43
N GLY A 319 -12.98 -19.49 -13.10
CA GLY A 319 -11.66 -19.92 -12.67
C GLY A 319 -11.20 -19.28 -11.37
N HIS A 320 -12.15 -18.81 -10.56
CA HIS A 320 -11.86 -18.14 -9.29
C HIS A 320 -12.91 -18.52 -8.26
N THR A 321 -13.24 -19.81 -8.16
CA THR A 321 -14.27 -20.27 -7.22
C THR A 321 -13.76 -20.23 -5.79
N VAL A 322 -14.70 -20.33 -4.87
CA VAL A 322 -14.34 -20.33 -3.46
C VAL A 322 -13.47 -21.53 -3.14
N ALA A 323 -13.80 -22.70 -3.72
CA ALA A 323 -13.00 -23.89 -3.52
C ALA A 323 -11.58 -23.71 -4.07
N ASP A 324 -11.43 -23.05 -5.22
CA ASP A 324 -10.10 -22.74 -5.73
C ASP A 324 -9.32 -21.90 -4.73
N TYR A 325 -9.95 -20.88 -4.14
CA TYR A 325 -9.23 -20.04 -3.18
C TYR A 325 -8.91 -20.81 -1.91
N LEU A 326 -9.82 -21.65 -1.43
CA LEU A 326 -9.53 -22.42 -0.22
C LEU A 326 -8.37 -23.38 -0.43
N LYS A 327 -8.30 -24.00 -1.62
CA LYS A 327 -7.16 -24.84 -1.93
C LYS A 327 -5.88 -24.01 -2.02
N PHE A 328 -5.93 -22.85 -2.70
CA PHE A 328 -4.77 -21.97 -2.78
C PHE A 328 -4.29 -21.56 -1.39
N LYS A 329 -5.21 -21.08 -0.55
CA LYS A 329 -4.81 -20.64 0.79
C LYS A 329 -4.18 -21.78 1.57
N ASP A 330 -4.74 -22.99 1.46
CA ASP A 330 -4.18 -24.13 2.16
C ASP A 330 -2.73 -24.41 1.72
N LEU A 331 -2.48 -24.40 0.41
CA LEU A 331 -1.12 -24.59 -0.07
C LEU A 331 -0.20 -23.46 0.40
N ILE A 332 -0.67 -22.23 0.33
CA ILE A 332 0.18 -21.13 0.80
C ILE A 332 0.52 -21.31 2.27
N LEU A 333 -0.48 -21.64 3.10
CA LEU A 333 -0.19 -21.74 4.51
C LEU A 333 0.82 -22.83 4.80
N ARG A 334 0.78 -23.93 4.04
CA ARG A 334 1.78 -24.97 4.21
C ARG A 334 3.17 -24.49 3.79
N MET A 335 3.23 -23.65 2.76
CA MET A 335 4.51 -23.07 2.37
C MET A 335 5.02 -22.06 3.41
N LEU A 336 4.13 -21.43 4.18
CA LEU A 336 4.54 -20.47 5.19
C LEU A 336 4.48 -21.04 6.60
N ASP A 337 4.59 -22.36 6.72
CA ASP A 337 4.83 -22.99 8.02
C ASP A 337 6.05 -22.36 8.69
N TYR A 338 5.88 -21.97 9.96
CA TYR A 338 7.01 -21.42 10.70
C TYR A 338 8.14 -22.42 10.88
N ASP A 339 7.80 -23.71 11.02
CA ASP A 339 8.78 -24.75 11.32
C ASP A 339 9.34 -25.29 10.01
N PRO A 340 10.62 -25.08 9.72
CA PRO A 340 11.17 -25.62 8.47
C PRO A 340 11.23 -27.14 8.44
N LYS A 341 11.07 -27.81 9.57
CA LYS A 341 11.05 -29.26 9.55
C LYS A 341 9.72 -29.79 9.00
N THR A 342 8.65 -29.01 9.06
CA THR A 342 7.37 -29.46 8.53
C THR A 342 6.83 -28.61 7.38
N ARG A 343 7.43 -27.45 7.07
CA ARG A 343 7.11 -26.70 5.86
C ARG A 343 7.02 -27.67 4.69
N ILE A 344 5.94 -27.55 3.91
CA ILE A 344 5.72 -28.48 2.80
C ILE A 344 6.93 -28.48 1.87
N GLN A 345 7.30 -29.68 1.46
CA GLN A 345 8.43 -29.92 0.58
C GLN A 345 7.97 -30.12 -0.86
N PRO A 346 8.85 -29.87 -1.83
CA PRO A 346 8.38 -29.78 -3.22
C PRO A 346 7.57 -30.97 -3.70
N TYR A 347 8.04 -32.17 -3.38
CA TYR A 347 7.34 -33.36 -3.84
C TYR A 347 5.89 -33.37 -3.38
N TYR A 348 5.64 -32.99 -2.12
CA TYR A 348 4.28 -33.07 -1.59
C TYR A 348 3.46 -31.85 -1.97
N ALA A 349 4.12 -30.71 -2.13
CA ALA A 349 3.43 -29.56 -2.69
C ALA A 349 2.83 -29.91 -4.04
N LEU A 350 3.56 -30.69 -4.85
CA LEU A 350 3.06 -31.07 -6.17
C LEU A 350 1.88 -32.06 -6.10
N GLN A 351 1.67 -32.74 -4.98
CA GLN A 351 0.49 -33.59 -4.85
C GLN A 351 -0.70 -32.86 -4.21
N HIS A 352 -0.52 -31.59 -3.84
CA HIS A 352 -1.60 -30.85 -3.22
C HIS A 352 -2.80 -30.76 -4.16
N SER A 353 -3.99 -30.65 -3.58
CA SER A 353 -5.21 -30.60 -4.40
C SER A 353 -5.32 -29.34 -5.24
N PHE A 354 -4.57 -28.28 -4.91
CA PHE A 354 -4.60 -27.09 -5.74
C PHE A 354 -4.20 -27.38 -7.18
N PHE A 355 -3.40 -28.43 -7.40
CA PHE A 355 -2.96 -28.84 -8.73
C PHE A 355 -3.78 -29.96 -9.35
N LYS A 356 -4.62 -30.66 -8.58
CA LYS A 356 -5.33 -31.82 -9.15
C LYS A 356 -6.40 -31.44 -10.19
N TYR B 12 15.06 31.33 -7.00
CA TYR B 12 13.65 30.94 -7.11
C TYR B 12 13.46 29.73 -8.02
N ASN B 13 14.30 28.70 -7.84
CA ASN B 13 14.27 27.45 -8.61
C ASN B 13 14.26 27.72 -10.13
N ASP B 14 15.32 28.41 -10.57
CA ASP B 14 15.52 28.79 -11.97
C ASP B 14 14.42 29.72 -12.48
N GLY B 15 13.85 30.53 -11.60
CA GLY B 15 12.77 31.45 -11.94
C GLY B 15 11.43 30.81 -12.21
N TYR B 16 11.26 29.51 -11.99
CA TYR B 16 9.98 28.85 -12.18
C TYR B 16 9.08 28.91 -10.95
N ASP B 17 9.65 29.17 -9.77
CA ASP B 17 8.91 29.11 -8.52
C ASP B 17 8.80 30.50 -7.89
N ASP B 18 7.86 30.61 -6.94
CA ASP B 18 7.64 31.82 -6.17
C ASP B 18 8.48 31.79 -4.90
N ASP B 19 8.23 32.75 -4.00
CA ASP B 19 8.94 32.80 -2.72
C ASP B 19 8.44 31.74 -1.74
N ASN B 20 7.27 31.13 -1.98
CA ASN B 20 6.69 30.13 -1.09
C ASN B 20 6.80 28.70 -1.64
N TYR B 21 7.77 28.45 -2.52
CA TYR B 21 8.06 27.15 -3.13
C TYR B 21 6.95 26.67 -4.08
N ASP B 22 5.98 27.51 -4.41
CA ASP B 22 4.96 27.18 -5.39
C ASP B 22 5.42 27.44 -6.82
N TYR B 23 4.89 26.65 -7.75
CA TYR B 23 5.11 26.88 -9.17
C TYR B 23 4.29 28.08 -9.65
N ILE B 24 4.95 28.98 -10.38
CA ILE B 24 4.28 30.18 -10.90
C ILE B 24 3.48 29.74 -12.13
N VAL B 25 2.16 29.64 -11.99
CA VAL B 25 1.30 29.12 -13.05
C VAL B 25 1.07 30.19 -14.11
N LYS B 26 1.24 29.81 -15.38
CA LYS B 26 0.94 30.70 -16.50
C LYS B 26 -0.07 30.00 -17.41
N ASN B 27 -1.22 30.63 -17.60
CA ASN B 27 -2.28 30.08 -18.44
C ASN B 27 -1.76 29.78 -19.83
N GLY B 28 -2.30 28.73 -20.45
CA GLY B 28 -1.95 28.40 -21.81
C GLY B 28 -0.65 27.64 -21.96
N GLU B 29 0.08 27.43 -20.87
CA GLU B 29 1.30 26.63 -20.90
C GLU B 29 0.97 25.18 -21.24
N LYS B 30 1.87 24.53 -21.98
CA LYS B 30 1.68 23.15 -22.38
C LYS B 30 2.79 22.31 -21.79
N TRP B 31 2.43 21.30 -21.01
CA TRP B 31 3.40 20.46 -20.30
C TRP B 31 3.49 19.11 -20.99
N MET B 32 4.73 18.67 -21.26
CA MET B 32 5.00 17.32 -21.74
C MET B 32 4.28 17.01 -23.05
N ASP B 33 3.97 18.05 -23.83
CA ASP B 33 3.20 17.91 -25.07
C ASP B 33 1.92 17.11 -24.83
N ARG B 34 1.23 17.40 -23.73
CA ARG B 34 0.08 16.59 -23.38
C ARG B 34 -1.01 17.39 -22.63
N TYR B 35 -0.63 18.07 -21.55
CA TYR B 35 -1.57 18.85 -20.75
C TYR B 35 -1.47 20.32 -21.12
N GLU B 36 -2.61 20.92 -21.47
CA GLU B 36 -2.68 22.36 -21.70
C GLU B 36 -3.23 23.00 -20.43
N ILE B 37 -2.43 23.83 -19.77
CA ILE B 37 -2.85 24.40 -18.50
C ILE B 37 -3.81 25.56 -18.77
N ASP B 38 -5.01 25.48 -18.19
CA ASP B 38 -6.05 26.47 -18.44
C ASP B 38 -5.98 27.65 -17.48
N SER B 39 -6.10 27.38 -16.18
CA SER B 39 -6.08 28.44 -15.18
C SER B 39 -5.91 27.81 -13.81
N LEU B 40 -5.50 28.64 -12.85
CA LEU B 40 -5.41 28.21 -11.46
C LEU B 40 -6.81 28.10 -10.86
N ILE B 41 -7.08 26.99 -10.18
CA ILE B 41 -8.38 26.76 -9.53
C ILE B 41 -8.36 27.19 -8.07
N GLY B 42 -7.28 26.88 -7.35
CA GLY B 42 -7.18 27.27 -5.96
C GLY B 42 -5.80 26.93 -5.43
N LYS B 43 -5.57 27.33 -4.18
CA LYS B 43 -4.33 27.08 -3.47
C LYS B 43 -4.64 26.42 -2.13
N GLY B 44 -3.67 25.65 -1.63
CA GLY B 44 -3.71 25.09 -0.30
C GLY B 44 -2.31 25.02 0.27
N SER B 45 -2.22 24.49 1.50
CA SER B 45 -0.93 24.39 2.16
C SER B 45 0.06 23.55 1.35
N PHE B 46 -0.46 22.59 0.57
CA PHE B 46 0.34 21.62 -0.18
C PHE B 46 0.98 22.24 -1.41
N GLY B 47 0.37 23.29 -1.94
CA GLY B 47 0.70 23.80 -3.25
C GLY B 47 -0.53 24.31 -3.98
N GLN B 48 -0.72 23.92 -5.23
CA GLN B 48 -1.77 24.48 -6.06
C GLN B 48 -2.49 23.38 -6.81
N VAL B 49 -3.76 23.65 -7.12
CA VAL B 49 -4.55 22.80 -8.00
C VAL B 49 -4.90 23.63 -9.21
N VAL B 50 -4.70 23.05 -10.39
CA VAL B 50 -4.82 23.79 -11.64
C VAL B 50 -5.79 23.06 -12.55
N LYS B 51 -6.56 23.82 -13.32
CA LYS B 51 -7.46 23.25 -14.32
C LYS B 51 -6.68 23.04 -15.61
N ALA B 52 -6.72 21.82 -16.14
CA ALA B 52 -5.91 21.53 -17.30
C ALA B 52 -6.69 20.62 -18.24
N TYR B 53 -6.27 20.61 -19.50
CA TYR B 53 -6.85 19.74 -20.49
C TYR B 53 -5.84 18.70 -20.91
N ASP B 54 -6.21 17.43 -20.78
CA ASP B 54 -5.35 16.33 -21.21
C ASP B 54 -5.58 16.06 -22.70
N ARG B 55 -4.59 16.40 -23.54
CA ARG B 55 -4.76 16.24 -24.98
C ARG B 55 -4.90 14.77 -25.39
N VAL B 56 -4.26 13.86 -24.64
CA VAL B 56 -4.30 12.44 -24.99
C VAL B 56 -5.69 11.87 -24.74
N GLU B 57 -6.15 11.91 -23.49
CA GLU B 57 -7.46 11.35 -23.17
C GLU B 57 -8.61 12.25 -23.60
N GLN B 58 -8.34 13.51 -23.96
CA GLN B 58 -9.36 14.48 -24.38
C GLN B 58 -10.40 14.71 -23.27
N GLU B 59 -9.88 15.09 -22.10
CA GLU B 59 -10.74 15.35 -20.94
C GLU B 59 -10.13 16.44 -20.09
N TRP B 60 -11.00 17.07 -19.30
CA TRP B 60 -10.54 17.99 -18.27
C TRP B 60 -9.92 17.21 -17.12
N VAL B 61 -8.88 17.79 -16.53
CA VAL B 61 -8.25 17.21 -15.36
C VAL B 61 -7.95 18.34 -14.39
N ALA B 62 -7.85 17.96 -13.12
CA ALA B 62 -7.37 18.83 -12.08
C ALA B 62 -5.98 18.35 -11.70
N ILE B 63 -4.98 19.20 -11.83
CA ILE B 63 -3.60 18.80 -11.53
C ILE B 63 -3.21 19.48 -10.23
N LYS B 64 -2.87 18.67 -9.23
CA LYS B 64 -2.42 19.18 -7.94
C LYS B 64 -0.91 19.33 -8.02
N ILE B 65 -0.45 20.59 -7.99
CA ILE B 65 0.97 20.89 -8.08
C ILE B 65 1.52 21.06 -6.68
N ILE B 66 2.32 20.09 -6.26
CA ILE B 66 2.87 20.09 -4.92
C ILE B 66 4.02 21.07 -4.82
N LYS B 67 4.10 21.76 -3.69
CA LYS B 67 5.21 22.68 -3.46
C LYS B 67 6.54 21.95 -3.59
N ASN B 68 7.53 22.67 -4.11
CA ASN B 68 8.87 22.12 -4.36
C ASN B 68 9.67 22.22 -3.07
N LYS B 69 9.39 21.29 -2.16
CA LYS B 69 10.00 21.24 -0.84
C LYS B 69 9.82 19.83 -0.29
N LYS B 70 10.87 19.31 0.36
CA LYS B 70 10.89 17.91 0.77
C LYS B 70 9.68 17.55 1.62
N ALA B 71 9.32 18.42 2.57
CA ALA B 71 8.24 18.12 3.49
C ALA B 71 6.92 17.85 2.76
N PHE B 72 6.60 18.70 1.78
CA PHE B 72 5.33 18.55 1.07
C PHE B 72 5.38 17.40 0.06
N LEU B 73 6.51 17.26 -0.63
CA LEU B 73 6.71 16.14 -1.54
C LEU B 73 6.48 14.81 -0.83
N ASN B 74 7.00 14.69 0.41
CA ASN B 74 6.82 13.47 1.18
C ASN B 74 5.36 13.22 1.51
N GLN B 75 4.64 14.27 1.95
CA GLN B 75 3.22 14.11 2.25
C GLN B 75 2.45 13.67 1.01
N ALA B 76 2.73 14.33 -0.13
CA ALA B 76 2.07 13.98 -1.38
C ALA B 76 2.40 12.55 -1.81
N GLN B 77 3.60 12.07 -1.49
CA GLN B 77 3.95 10.69 -1.82
C GLN B 77 3.14 9.70 -1.00
N ILE B 78 2.81 10.04 0.24
CA ILE B 78 1.88 9.21 1.00
C ILE B 78 0.47 9.28 0.39
N GLU B 79 0.03 10.47 -0.03
CA GLU B 79 -1.27 10.59 -0.68
C GLU B 79 -1.34 9.70 -1.91
N VAL B 80 -0.30 9.71 -2.74
CA VAL B 80 -0.28 8.87 -3.93
C VAL B 80 -0.41 7.40 -3.55
N ARG B 81 0.40 6.95 -2.59
CA ARG B 81 0.36 5.55 -2.20
C ARG B 81 -1.04 5.14 -1.76
N LEU B 82 -1.70 5.98 -0.96
CA LEU B 82 -3.03 5.61 -0.46
C LEU B 82 -4.07 5.62 -1.57
N LEU B 83 -3.97 6.56 -2.53
CA LEU B 83 -4.95 6.56 -3.62
C LEU B 83 -4.71 5.39 -4.56
N GLU B 84 -3.45 5.08 -4.83
CA GLU B 84 -3.16 3.91 -5.63
C GLU B 84 -3.62 2.63 -4.94
N LEU B 85 -3.56 2.61 -3.61
CA LEU B 85 -4.01 1.43 -2.90
C LEU B 85 -5.54 1.38 -2.84
N MET B 86 -6.21 2.53 -2.75
CA MET B 86 -7.65 2.53 -2.85
C MET B 86 -8.09 2.09 -4.24
N ASN B 87 -7.33 2.47 -5.27
CA ASN B 87 -7.65 2.11 -6.65
C ASN B 87 -7.65 0.62 -6.90
N LYS B 88 -6.95 -0.16 -6.08
CA LYS B 88 -6.89 -1.62 -6.23
C LYS B 88 -8.22 -2.30 -5.90
N HIS B 89 -9.18 -1.59 -5.33
CA HIS B 89 -10.45 -2.19 -4.93
C HIS B 89 -11.54 -1.93 -5.97
N ASP B 90 -12.24 -2.99 -6.35
CA ASP B 90 -13.30 -2.94 -7.37
C ASP B 90 -14.65 -2.96 -6.66
N THR B 91 -14.86 -1.97 -5.84
CA THR B 91 -16.12 -1.85 -5.15
C THR B 91 -16.81 -0.59 -5.63
N GLU B 92 -18.13 -0.62 -5.71
CA GLU B 92 -18.80 0.61 -6.10
C GLU B 92 -18.60 1.69 -5.06
N MET B 93 -18.26 1.31 -3.82
CA MET B 93 -18.03 2.33 -2.80
C MET B 93 -16.79 3.17 -3.08
N LYS B 94 -15.91 2.74 -3.99
CA LYS B 94 -14.73 3.54 -4.35
C LYS B 94 -15.09 4.82 -5.06
N TYR B 95 -16.29 4.90 -5.64
CA TYR B 95 -16.60 6.07 -6.43
C TYR B 95 -16.98 7.26 -5.58
N TYR B 96 -16.98 7.13 -4.26
CA TYR B 96 -17.19 8.28 -3.40
C TYR B 96 -15.86 8.93 -3.02
N ILE B 97 -14.76 8.47 -3.60
CA ILE B 97 -13.43 9.04 -3.40
C ILE B 97 -12.94 9.56 -4.75
N VAL B 98 -12.37 10.76 -4.77
CA VAL B 98 -11.86 11.31 -6.03
C VAL B 98 -10.80 10.34 -6.60
N HIS B 99 -10.79 10.19 -7.92
CA HIS B 99 -9.93 9.19 -8.56
C HIS B 99 -8.65 9.84 -9.10
N LEU B 100 -7.51 9.29 -8.69
CA LEU B 100 -6.21 9.74 -9.20
C LEU B 100 -5.91 9.02 -10.51
N LYS B 101 -5.66 9.78 -11.58
CA LYS B 101 -5.41 9.15 -12.86
C LYS B 101 -3.94 8.75 -13.02
N ARG B 102 -3.01 9.66 -12.67
CA ARG B 102 -1.60 9.37 -12.76
C ARG B 102 -0.87 10.46 -12.00
N HIS B 103 0.45 10.34 -11.94
CA HIS B 103 1.29 11.36 -11.34
C HIS B 103 2.58 11.48 -12.16
N PHE B 104 3.23 12.63 -12.03
CA PHE B 104 4.50 12.85 -12.70
C PHE B 104 5.25 13.98 -12.02
N MET B 105 6.55 14.05 -12.30
CA MET B 105 7.38 15.17 -11.90
C MET B 105 7.44 16.15 -13.04
N PHE B 106 7.38 17.43 -12.73
CA PHE B 106 7.46 18.45 -13.76
C PHE B 106 8.14 19.67 -13.16
N ARG B 107 9.30 20.04 -13.72
CA ARG B 107 10.07 21.17 -13.27
C ARG B 107 10.20 21.17 -11.74
N ASN B 108 10.62 20.01 -11.22
CA ASN B 108 10.89 19.83 -9.78
C ASN B 108 9.63 19.98 -8.92
N HIS B 109 8.47 19.70 -9.52
CA HIS B 109 7.22 19.66 -8.78
C HIS B 109 6.55 18.32 -9.05
N LEU B 110 6.19 17.62 -7.98
CA LEU B 110 5.35 16.44 -8.14
C LEU B 110 3.94 16.90 -8.45
N CYS B 111 3.36 16.30 -9.49
CA CYS B 111 2.04 16.65 -9.99
C CYS B 111 1.13 15.43 -9.94
N LEU B 112 0.00 15.58 -9.27
CA LEU B 112 -1.02 14.54 -9.18
C LEU B 112 -2.17 14.93 -10.09
N VAL B 113 -2.54 14.04 -11.00
CA VAL B 113 -3.58 14.29 -11.99
C VAL B 113 -4.87 13.62 -11.53
N PHE B 114 -5.90 14.42 -11.26
CA PHE B 114 -7.19 13.94 -10.77
C PHE B 114 -8.28 14.15 -11.82
N GLU B 115 -9.34 13.35 -11.72
CA GLU B 115 -10.56 13.66 -12.42
C GLU B 115 -11.05 15.04 -11.99
N MET B 116 -11.66 15.77 -12.92
CA MET B 116 -12.17 17.10 -12.62
C MET B 116 -13.55 17.01 -11.97
N LEU B 117 -13.72 17.69 -10.84
CA LEU B 117 -14.99 17.75 -10.14
C LEU B 117 -15.47 19.18 -10.15
N SER B 118 -16.68 19.39 -9.61
CA SER B 118 -17.33 20.69 -9.47
C SER B 118 -16.98 21.32 -8.13
N TYR B 119 -17.86 22.14 -7.58
CA TYR B 119 -17.47 22.90 -6.39
C TYR B 119 -17.74 22.14 -5.10
N ASN B 120 -17.23 22.68 -4.00
CA ASN B 120 -17.28 21.95 -2.75
C ASN B 120 -18.51 22.31 -1.93
N LEU B 121 -18.72 21.53 -0.87
CA LEU B 121 -19.95 21.63 -0.09
C LEU B 121 -20.03 22.95 0.65
N TYR B 122 -18.88 23.57 0.94
CA TYR B 122 -18.91 24.92 1.49
C TYR B 122 -19.42 25.91 0.46
N ASP B 123 -18.92 25.82 -0.77
CA ASP B 123 -19.45 26.66 -1.85
C ASP B 123 -20.96 26.47 -1.98
N LEU B 124 -21.44 25.23 -1.84
CA LEU B 124 -22.87 24.97 -1.94
C LEU B 124 -23.63 25.69 -0.86
N LEU B 125 -23.05 25.79 0.34
CA LEU B 125 -23.74 26.46 1.42
C LEU B 125 -23.95 27.93 1.12
N ARG B 126 -22.93 28.59 0.55
CA ARG B 126 -23.07 30.01 0.24
C ARG B 126 -24.04 30.26 -0.90
N ASN B 127 -24.31 29.27 -1.75
CA ASN B 127 -25.35 29.47 -2.77
C ASN B 127 -26.71 29.66 -2.12
N THR B 128 -26.91 29.04 -0.96
CA THR B 128 -28.04 29.30 -0.08
C THR B 128 -27.82 30.53 0.79
N ASN B 129 -26.74 31.28 0.56
CA ASN B 129 -26.30 32.31 1.50
C ASN B 129 -26.32 31.77 2.93
N PHE B 130 -25.77 30.56 3.10
CA PHE B 130 -25.56 29.94 4.40
C PHE B 130 -26.85 29.77 5.19
N ARG B 131 -27.96 29.59 4.48
CA ARG B 131 -29.19 29.20 5.12
C ARG B 131 -29.27 27.70 5.35
N GLY B 132 -28.36 26.93 4.79
CA GLY B 132 -28.49 25.51 4.94
C GLY B 132 -29.18 24.90 3.74
N VAL B 133 -28.84 23.65 3.48
CA VAL B 133 -29.46 22.96 2.37
C VAL B 133 -30.58 22.10 2.94
N SER B 134 -31.40 21.52 2.07
CA SER B 134 -32.56 20.79 2.56
C SER B 134 -32.15 19.50 3.32
N LEU B 135 -33.07 19.03 4.17
CA LEU B 135 -32.85 17.77 4.87
C LEU B 135 -32.79 16.59 3.90
N ASN B 136 -33.55 16.63 2.81
CA ASN B 136 -33.44 15.57 1.83
C ASN B 136 -32.06 15.56 1.17
N LEU B 137 -31.57 16.74 0.79
CA LEU B 137 -30.22 16.82 0.26
C LEU B 137 -29.20 16.37 1.29
N THR B 138 -29.35 16.84 2.54
CA THR B 138 -28.48 16.42 3.62
C THR B 138 -28.46 14.90 3.74
N ARG B 139 -29.64 14.27 3.70
CA ARG B 139 -29.70 12.82 3.81
C ARG B 139 -28.88 12.15 2.70
N LYS B 140 -28.99 12.65 1.46
CA LYS B 140 -28.23 12.08 0.36
C LYS B 140 -26.72 12.28 0.57
N PHE B 141 -26.32 13.45 1.06
CA PHE B 141 -24.92 13.66 1.38
C PHE B 141 -24.46 12.70 2.46
N ALA B 142 -25.29 12.50 3.50
CA ALA B 142 -24.89 11.62 4.61
C ALA B 142 -24.72 10.18 4.14
N GLN B 143 -25.64 9.68 3.32
CA GLN B 143 -25.53 8.29 2.89
C GLN B 143 -24.22 8.04 2.15
N GLN B 144 -23.86 8.95 1.24
CA GLN B 144 -22.65 8.75 0.45
C GLN B 144 -21.39 8.87 1.31
N MET B 145 -21.39 9.80 2.28
CA MET B 145 -20.20 9.88 3.12
C MET B 145 -20.09 8.69 4.04
N CYS B 146 -21.21 8.16 4.53
CA CYS B 146 -21.16 6.94 5.30
C CYS B 146 -20.63 5.79 4.45
N THR B 147 -21.04 5.76 3.18
CA THR B 147 -20.54 4.73 2.30
C THR B 147 -19.06 4.92 2.01
N ALA B 148 -18.64 6.18 1.80
CA ALA B 148 -17.22 6.46 1.63
C ALA B 148 -16.44 6.03 2.86
N LEU B 149 -16.95 6.35 4.05
CA LEU B 149 -16.25 5.96 5.27
C LEU B 149 -16.26 4.46 5.47
N LEU B 150 -17.36 3.78 5.06
CA LEU B 150 -17.36 2.33 5.01
C LEU B 150 -16.21 1.83 4.15
N PHE B 151 -16.03 2.45 2.98
CA PHE B 151 -14.96 2.05 2.08
C PHE B 151 -13.59 2.22 2.73
N LEU B 152 -13.37 3.34 3.42
CA LEU B 152 -12.08 3.53 4.09
C LEU B 152 -11.90 2.54 5.25
N ALA B 153 -12.98 2.07 5.84
CA ALA B 153 -12.86 1.13 6.94
C ALA B 153 -12.57 -0.31 6.48
N THR B 154 -12.56 -0.58 5.18
CA THR B 154 -12.17 -1.88 4.67
C THR B 154 -10.87 -2.34 5.33
N PRO B 155 -10.83 -3.54 5.91
CA PRO B 155 -9.65 -3.94 6.71
C PRO B 155 -8.30 -3.75 6.01
N GLU B 156 -8.17 -4.21 4.78
CA GLU B 156 -6.90 -4.06 4.08
C GLU B 156 -6.59 -2.61 3.71
N LEU B 157 -7.55 -1.69 3.84
CA LEU B 157 -7.24 -0.27 3.68
C LEU B 157 -7.02 0.40 5.03
N SER B 158 -8.04 0.41 5.88
CA SER B 158 -8.02 1.07 7.20
C SER B 158 -7.45 2.48 7.11
N ILE B 159 -8.06 3.32 6.29
CA ILE B 159 -7.53 4.65 6.07
C ILE B 159 -8.32 5.68 6.85
N ILE B 160 -7.59 6.55 7.56
CA ILE B 160 -8.16 7.68 8.27
C ILE B 160 -7.90 8.92 7.41
N HIS B 161 -8.97 9.61 7.01
CA HIS B 161 -8.79 10.79 6.19
C HIS B 161 -8.14 11.93 6.98
N CYS B 162 -8.58 12.16 8.21
CA CYS B 162 -8.01 13.11 9.16
C CYS B 162 -8.25 14.57 8.81
N ASP B 163 -9.02 14.86 7.77
CA ASP B 163 -9.33 16.27 7.50
C ASP B 163 -10.65 16.41 6.74
N LEU B 164 -11.67 15.69 7.15
CA LEU B 164 -12.99 15.87 6.56
C LEU B 164 -13.55 17.23 6.94
N LYS B 165 -14.10 17.92 5.95
CA LYS B 165 -14.74 19.21 6.15
C LYS B 165 -15.48 19.55 4.86
N PRO B 166 -16.40 20.50 4.89
CA PRO B 166 -17.17 20.78 3.67
C PRO B 166 -16.29 21.12 2.48
N GLU B 167 -15.13 21.73 2.70
CA GLU B 167 -14.30 22.11 1.57
C GLU B 167 -13.52 20.94 0.97
N ASN B 168 -13.47 19.80 1.66
CA ASN B 168 -12.82 18.61 1.14
C ASN B 168 -13.82 17.59 0.60
N ILE B 169 -15.10 17.97 0.48
CA ILE B 169 -16.13 17.18 -0.17
C ILE B 169 -16.61 17.97 -1.38
N LEU B 170 -16.48 17.40 -2.58
CA LEU B 170 -16.78 18.08 -3.83
C LEU B 170 -17.94 17.41 -4.56
N LEU B 171 -18.77 18.22 -5.22
CA LEU B 171 -19.78 17.69 -6.13
C LEU B 171 -19.13 17.22 -7.43
N CYS B 172 -19.65 16.12 -7.98
CA CYS B 172 -19.20 15.68 -9.30
C CYS B 172 -19.66 16.64 -10.38
N ASN B 173 -20.85 17.23 -10.22
CA ASN B 173 -21.54 17.97 -11.25
C ASN B 173 -22.39 19.01 -10.53
N PRO B 174 -22.42 20.26 -11.01
CA PRO B 174 -23.15 21.31 -10.29
C PRO B 174 -24.63 21.02 -10.12
N LYS B 175 -25.24 20.31 -11.05
CA LYS B 175 -26.67 20.12 -11.07
C LYS B 175 -27.11 18.77 -10.51
N ARG B 176 -26.19 18.00 -9.93
CA ARG B 176 -26.51 16.67 -9.43
C ARG B 176 -25.91 16.49 -8.03
N SER B 177 -26.38 15.50 -7.28
CA SER B 177 -26.09 15.44 -5.85
C SER B 177 -24.92 14.51 -5.48
N ALA B 178 -24.30 13.86 -6.46
CA ALA B 178 -23.18 12.98 -6.16
C ALA B 178 -21.98 13.77 -5.64
N ILE B 179 -21.34 13.24 -4.60
CA ILE B 179 -20.17 13.88 -4.01
C ILE B 179 -19.02 12.89 -3.88
N LYS B 180 -17.81 13.43 -3.73
CA LYS B 180 -16.61 12.63 -3.46
C LYS B 180 -15.72 13.38 -2.49
N ILE B 181 -14.95 12.58 -1.73
CA ILE B 181 -13.93 13.06 -0.81
C ILE B 181 -12.64 13.32 -1.58
N VAL B 182 -11.99 14.47 -1.29
CA VAL B 182 -10.72 14.82 -1.89
C VAL B 182 -9.68 15.04 -0.80
N ASP B 183 -8.40 15.07 -1.22
CA ASP B 183 -7.25 15.50 -0.46
C ASP B 183 -6.89 14.53 0.67
N PHE B 184 -6.03 13.57 0.36
CA PHE B 184 -5.55 12.60 1.36
C PHE B 184 -4.12 12.90 1.76
N GLY B 185 -3.72 14.18 1.67
CA GLY B 185 -2.38 14.57 2.01
C GLY B 185 -2.11 14.55 3.50
N SER B 186 -3.15 14.65 4.33
CA SER B 186 -3.05 14.52 5.78
C SER B 186 -3.45 13.13 6.27
N SER B 187 -3.68 12.19 5.37
CA SER B 187 -4.24 10.90 5.73
C SER B 187 -3.14 9.93 6.17
N CYS B 188 -3.61 8.79 6.68
CA CYS B 188 -2.75 7.75 7.22
C CYS B 188 -3.54 6.46 7.22
N GLN B 189 -2.83 5.35 7.39
CA GLN B 189 -3.49 4.10 7.69
C GLN B 189 -3.37 3.82 9.18
N LEU B 190 -4.30 3.02 9.69
CA LEU B 190 -4.29 2.64 11.09
C LEU B 190 -2.93 2.07 11.50
N GLY B 191 -2.39 2.61 12.59
CA GLY B 191 -1.14 2.15 13.12
C GLY B 191 0.08 2.72 12.45
N GLN B 192 -0.10 3.55 11.41
CA GLN B 192 0.98 4.25 10.73
C GLN B 192 0.92 5.75 10.95
N ARG B 193 0.18 6.20 11.97
CA ARG B 193 0.03 7.63 12.24
C ARG B 193 1.35 8.26 12.65
N PTR B 197 -2.09 16.28 16.60
CA PTR B 197 -2.46 17.64 16.20
C PTR B 197 -2.96 17.64 14.76
O PTR B 197 -2.32 18.20 13.86
CB PTR B 197 -1.29 18.63 16.34
N ILE B 198 -4.10 17.00 14.56
CA ILE B 198 -4.72 16.84 13.25
C ILE B 198 -6.16 17.33 13.20
N GLN B 199 -6.73 17.27 11.99
CA GLN B 199 -8.08 17.71 11.67
C GLN B 199 -8.24 19.22 11.76
N SER B 200 -9.01 19.81 10.84
CA SER B 200 -9.35 21.23 10.94
C SER B 200 -10.19 21.45 12.20
N ARG B 201 -9.94 22.57 12.88
CA ARG B 201 -10.36 22.69 14.27
C ARG B 201 -11.87 22.49 14.44
N PHE B 202 -12.66 23.15 13.59
CA PHE B 202 -14.12 23.01 13.68
C PHE B 202 -14.56 21.55 13.67
N TYR B 203 -13.80 20.68 12.99
CA TYR B 203 -14.20 19.29 12.76
C TYR B 203 -13.33 18.31 13.54
N ARG B 204 -12.55 18.81 14.50
CA ARG B 204 -11.59 17.99 15.22
C ARG B 204 -12.27 17.19 16.33
N SER B 205 -11.97 15.89 16.39
CA SER B 205 -12.60 15.01 17.36
C SER B 205 -12.11 15.32 18.78
N PRO B 206 -12.88 14.91 19.80
CA PRO B 206 -12.41 15.08 21.19
C PRO B 206 -11.17 14.26 21.49
N GLU B 207 -11.11 13.01 21.03
CA GLU B 207 -9.92 12.16 21.24
C GLU B 207 -8.67 12.87 20.77
N VAL B 208 -8.75 13.55 19.63
CA VAL B 208 -7.60 14.26 19.09
C VAL B 208 -7.31 15.53 19.90
N LEU B 209 -8.38 16.21 20.34
CA LEU B 209 -8.21 17.35 21.24
C LEU B 209 -7.57 16.94 22.56
N LEU B 210 -7.96 15.78 23.09
CA LEU B 210 -7.47 15.31 24.38
C LEU B 210 -6.13 14.58 24.28
N GLY B 211 -5.52 14.53 23.09
CA GLY B 211 -4.25 13.85 22.94
C GLY B 211 -4.30 12.35 23.17
N MET B 212 -5.43 11.73 22.93
CA MET B 212 -5.59 10.30 23.14
C MET B 212 -5.28 9.56 21.85
N PRO B 213 -5.10 8.24 21.91
CA PRO B 213 -5.01 7.44 20.69
C PRO B 213 -6.28 7.59 19.87
N TYR B 214 -6.14 7.50 18.55
CA TYR B 214 -7.29 7.70 17.69
C TYR B 214 -7.29 6.67 16.57
N ASP B 215 -8.46 6.48 15.99
CA ASP B 215 -8.65 5.52 14.92
C ASP B 215 -9.61 6.15 13.91
N LEU B 216 -10.22 5.32 13.06
CA LEU B 216 -11.10 5.77 11.99
C LEU B 216 -12.33 6.53 12.51
N ALA B 217 -12.61 6.44 13.81
CA ALA B 217 -13.79 7.10 14.34
C ALA B 217 -13.70 8.62 14.29
N ILE B 218 -12.48 9.20 14.21
CA ILE B 218 -12.39 10.65 14.19
C ILE B 218 -13.01 11.21 12.92
N ASP B 219 -13.04 10.42 11.84
CA ASP B 219 -13.69 10.89 10.64
C ASP B 219 -15.21 10.95 10.85
N MET B 220 -15.74 10.04 11.67
CA MET B 220 -17.18 10.03 11.90
C MET B 220 -17.62 11.24 12.69
N TRP B 221 -16.83 11.63 13.70
CA TRP B 221 -17.08 12.87 14.42
C TRP B 221 -17.08 14.07 13.46
N SER B 222 -16.08 14.15 12.58
CA SER B 222 -16.06 15.22 11.59
C SER B 222 -17.33 15.20 10.75
N LEU B 223 -17.70 14.00 10.28
CA LEU B 223 -18.94 13.83 9.52
C LEU B 223 -20.13 14.43 10.28
N GLY B 224 -20.26 14.07 11.58
CA GLY B 224 -21.36 14.59 12.38
C GLY B 224 -21.45 16.08 12.38
N CYS B 225 -20.33 16.77 12.57
CA CYS B 225 -20.32 18.22 12.51
C CYS B 225 -20.67 18.71 11.10
N ILE B 226 -20.16 18.03 10.08
CA ILE B 226 -20.38 18.45 8.69
C ILE B 226 -21.86 18.41 8.35
N LEU B 227 -22.54 17.31 8.71
CA LEU B 227 -23.95 17.16 8.35
C LEU B 227 -24.81 18.24 8.96
N VAL B 228 -24.56 18.58 10.22
CA VAL B 228 -25.35 19.60 10.85
C VAL B 228 -25.12 20.95 10.18
N GLU B 229 -23.84 21.30 9.94
CA GLU B 229 -23.52 22.52 9.19
C GLU B 229 -24.26 22.56 7.86
N MET B 230 -24.35 21.42 7.16
CA MET B 230 -24.95 21.41 5.84
C MET B 230 -26.42 21.80 5.90
N HIS B 231 -27.09 21.54 7.02
CA HIS B 231 -28.50 21.91 7.12
C HIS B 231 -28.70 23.28 7.75
N THR B 232 -27.91 23.65 8.75
CA THR B 232 -28.05 24.97 9.34
C THR B 232 -27.41 26.05 8.47
N GLY B 233 -26.38 25.70 7.71
CA GLY B 233 -25.55 26.65 7.01
C GLY B 233 -24.34 27.13 7.78
N GLU B 234 -24.25 26.83 9.08
CA GLU B 234 -23.19 27.37 9.93
C GLU B 234 -22.44 26.28 10.67
N PRO B 235 -21.15 26.46 10.94
CA PRO B 235 -20.40 25.44 11.68
C PRO B 235 -21.03 25.16 13.03
N LEU B 236 -21.04 23.88 13.39
CA LEU B 236 -21.64 23.53 14.67
C LEU B 236 -20.77 23.99 15.81
N PHE B 237 -19.45 23.83 15.67
CA PHE B 237 -18.45 24.16 16.70
C PHE B 237 -17.41 25.07 16.07
N SER B 238 -17.64 26.37 16.16
CA SER B 238 -16.74 27.33 15.53
C SER B 238 -15.77 27.88 16.57
N GLY B 239 -14.82 27.03 16.95
CA GLY B 239 -13.79 27.41 17.92
C GLY B 239 -12.70 28.26 17.29
N ALA B 240 -12.29 29.31 18.01
CA ALA B 240 -11.15 30.14 17.63
C ALA B 240 -9.81 29.50 17.97
N ASN B 241 -9.79 28.55 18.89
CA ASN B 241 -8.59 27.84 19.31
C ASN B 241 -9.04 26.55 19.99
N GLU B 242 -8.07 25.73 20.41
CA GLU B 242 -8.42 24.43 20.96
C GLU B 242 -9.31 24.57 22.20
N VAL B 243 -9.01 25.54 23.07
CA VAL B 243 -9.80 25.71 24.28
C VAL B 243 -11.22 26.16 23.93
N ASP B 244 -11.32 27.16 23.05
CA ASP B 244 -12.63 27.58 22.57
C ASP B 244 -13.37 26.44 21.90
N GLN B 245 -12.67 25.61 21.13
CA GLN B 245 -13.32 24.51 20.44
C GLN B 245 -13.90 23.52 21.45
N MET B 246 -13.09 23.07 22.41
CA MET B 246 -13.58 22.10 23.38
C MET B 246 -14.77 22.63 24.16
N ASN B 247 -14.73 23.90 24.54
CA ASN B 247 -15.83 24.41 25.33
C ASN B 247 -17.10 24.56 24.50
N LYS B 248 -16.97 24.87 23.21
CA LYS B 248 -18.16 24.89 22.37
C LYS B 248 -18.71 23.50 22.17
N ILE B 249 -17.85 22.48 22.15
CA ILE B 249 -18.36 21.11 22.14
C ILE B 249 -19.13 20.84 23.41
N VAL B 250 -18.57 21.26 24.55
CA VAL B 250 -19.18 21.00 25.86
C VAL B 250 -20.50 21.74 26.00
N GLU B 251 -20.64 22.90 25.35
CA GLU B 251 -21.91 23.61 25.39
C GLU B 251 -23.04 22.71 24.90
N VAL B 252 -22.80 21.96 23.83
CA VAL B 252 -23.85 21.13 23.26
C VAL B 252 -23.95 19.77 23.95
N LEU B 253 -22.81 19.14 24.23
CA LEU B 253 -22.75 17.73 24.60
C LEU B 253 -22.39 17.47 26.05
N GLY B 254 -22.13 18.51 26.85
CA GLY B 254 -21.79 18.34 28.25
C GLY B 254 -20.32 18.01 28.50
N ILE B 255 -19.98 17.86 29.76
CA ILE B 255 -18.61 17.46 30.09
C ILE B 255 -18.43 16.00 29.73
N PRO B 256 -17.29 15.60 29.16
CA PRO B 256 -17.10 14.19 28.83
C PRO B 256 -17.13 13.35 30.07
N PRO B 257 -17.52 12.08 29.95
CA PRO B 257 -17.56 11.20 31.12
C PRO B 257 -16.17 11.01 31.72
N ALA B 258 -16.13 10.83 33.04
CA ALA B 258 -14.87 10.54 33.71
C ALA B 258 -14.22 9.30 33.12
N HIS B 259 -15.03 8.33 32.71
CA HIS B 259 -14.49 7.10 32.12
C HIS B 259 -13.56 7.42 30.96
N ILE B 260 -13.81 8.49 30.23
CA ILE B 260 -12.89 8.95 29.18
C ILE B 260 -11.84 9.92 29.72
N LEU B 261 -12.27 10.94 30.47
CA LEU B 261 -11.38 12.02 30.87
C LEU B 261 -10.23 11.54 31.74
N ASP B 262 -10.43 10.48 32.53
CA ASP B 262 -9.34 9.98 33.35
C ASP B 262 -8.18 9.47 32.50
N GLN B 263 -8.46 8.94 31.31
CA GLN B 263 -7.42 8.39 30.46
C GLN B 263 -6.84 9.43 29.50
N ALA B 264 -7.35 10.66 29.51
CA ALA B 264 -6.98 11.65 28.49
C ALA B 264 -5.71 12.38 28.90
N PRO B 265 -4.61 12.24 28.16
CA PRO B 265 -3.38 12.95 28.54
C PRO B 265 -3.50 14.47 28.58
N LYS B 266 -4.27 15.06 27.68
CA LYS B 266 -4.37 16.51 27.58
C LYS B 266 -5.60 17.06 28.30
N ALA B 267 -6.16 16.30 29.24
CA ALA B 267 -7.38 16.72 29.92
C ALA B 267 -7.19 18.07 30.62
N ARG B 268 -6.05 18.26 31.29
CA ARG B 268 -5.78 19.47 32.06
C ARG B 268 -5.64 20.72 31.20
N LYS B 269 -5.74 20.62 29.88
CA LYS B 269 -5.71 21.83 29.05
C LYS B 269 -7.05 22.53 28.97
N PHE B 270 -8.14 21.81 29.23
CA PHE B 270 -9.49 22.36 29.19
C PHE B 270 -10.26 22.14 30.49
N PHE B 271 -9.89 21.14 31.27
CA PHE B 271 -10.64 20.74 32.44
C PHE B 271 -9.69 20.73 33.63
N GLU B 272 -10.27 20.71 34.82
CA GLU B 272 -9.49 20.44 36.01
C GLU B 272 -10.15 19.27 36.71
N LYS B 273 -9.32 18.42 37.32
CA LYS B 273 -9.80 17.28 38.07
C LYS B 273 -9.75 17.68 39.52
N LEU B 274 -10.90 17.66 40.17
CA LEU B 274 -10.93 17.88 41.60
C LEU B 274 -10.47 16.60 42.28
N PRO B 275 -10.04 16.69 43.54
CA PRO B 275 -9.71 15.46 44.30
C PRO B 275 -10.82 14.41 44.32
N ASP B 276 -12.08 14.86 44.31
CA ASP B 276 -13.26 13.99 44.36
C ASP B 276 -13.30 12.91 43.27
N GLY B 277 -12.61 13.14 42.15
CA GLY B 277 -12.74 12.31 40.97
C GLY B 277 -13.66 12.85 39.87
N THR B 278 -14.49 13.86 40.18
CA THR B 278 -15.35 14.46 39.17
C THR B 278 -14.60 15.53 38.38
N TRP B 279 -14.98 15.67 37.12
CA TRP B 279 -14.36 16.60 36.19
C TRP B 279 -15.23 17.84 35.96
N ASN B 280 -14.59 19.00 35.93
CA ASN B 280 -15.25 20.28 35.70
C ASN B 280 -14.36 21.11 34.78
N LEU B 281 -14.96 22.10 34.13
CA LEU B 281 -14.22 23.00 33.26
C LEU B 281 -13.27 23.90 34.06
N LYS B 282 -12.06 24.06 33.53
CA LYS B 282 -11.12 25.05 34.05
C LYS B 282 -11.59 26.46 33.71
N TYR B 291 -19.35 30.99 28.43
CA TYR B 291 -20.04 29.96 27.65
C TYR B 291 -21.34 29.57 28.32
N LYS B 292 -22.28 29.04 27.53
CA LYS B 292 -23.48 28.43 28.10
C LYS B 292 -23.09 27.22 28.95
N PRO B 293 -23.85 26.93 30.02
CA PRO B 293 -23.50 25.82 30.90
C PRO B 293 -23.44 24.52 30.12
N PRO B 294 -22.66 23.54 30.61
CA PRO B 294 -22.48 22.29 29.86
C PRO B 294 -23.79 21.60 29.50
N GLY B 295 -23.94 21.26 28.22
CA GLY B 295 -25.08 20.52 27.73
C GLY B 295 -26.37 21.29 27.62
N THR B 296 -26.35 22.61 27.81
CA THR B 296 -27.58 23.39 27.76
C THR B 296 -27.88 23.92 26.36
N ARG B 297 -26.91 23.91 25.44
CA ARG B 297 -27.17 24.31 24.06
C ARG B 297 -27.65 23.06 23.32
N LYS B 298 -28.96 22.80 23.47
CA LYS B 298 -29.53 21.54 22.99
C LYS B 298 -29.53 21.50 21.47
N LEU B 299 -29.12 20.36 20.91
CA LEU B 299 -29.05 20.23 19.47
C LEU B 299 -30.44 20.29 18.82
N HIS B 300 -31.49 19.86 19.54
CA HIS B 300 -32.86 20.11 19.11
C HIS B 300 -33.11 21.53 18.69
N ASN B 301 -32.50 22.49 19.38
CA ASN B 301 -32.75 23.89 19.08
C ASN B 301 -31.82 24.42 18.00
N ILE B 302 -30.63 23.84 17.89
CA ILE B 302 -29.78 24.16 16.76
C ILE B 302 -30.46 23.74 15.47
N LEU B 303 -30.99 22.51 15.45
CA LEU B 303 -31.76 22.08 14.29
C LEU B 303 -33.21 22.54 14.31
N GLY B 304 -33.68 23.07 15.43
CA GLY B 304 -35.05 23.54 15.54
C GLY B 304 -36.05 22.46 15.17
N VAL B 305 -35.89 21.25 15.70
CA VAL B 305 -36.73 20.15 15.28
C VAL B 305 -38.10 20.17 15.92
N THR B 307 -39.76 23.47 15.69
CA THR B 307 -39.66 24.89 15.32
C THR B 307 -39.55 25.03 13.78
N GLY B 308 -39.76 23.92 13.07
CA GLY B 308 -39.79 24.00 11.62
C GLY B 308 -38.42 24.05 11.02
N GLY B 309 -37.46 23.38 11.66
CA GLY B 309 -36.09 23.35 11.21
C GLY B 309 -35.32 24.59 11.59
N PRO B 310 -34.10 24.74 11.05
CA PRO B 310 -33.26 25.88 11.40
C PRO B 310 -33.89 27.20 10.97
N GLY B 311 -34.01 28.13 11.92
CA GLY B 311 -34.59 29.43 11.64
C GLY B 311 -36.06 29.44 11.24
N GLY B 312 -36.72 28.29 11.35
CA GLY B 312 -38.12 28.15 10.97
C GLY B 312 -38.42 27.96 9.50
N ARG B 313 -37.40 27.90 8.64
CA ARG B 313 -37.61 27.74 7.19
C ARG B 313 -37.97 26.30 6.77
N GLU B 317 -42.58 22.92 4.25
CA GLU B 317 -41.90 22.13 3.22
C GLU B 317 -41.92 20.65 3.58
N SER B 318 -42.20 19.81 2.59
CA SER B 318 -42.26 18.37 2.81
C SER B 318 -40.86 17.81 3.09
N GLY B 319 -40.84 16.56 3.53
CA GLY B 319 -39.59 15.92 3.91
C GLY B 319 -38.90 16.56 5.10
N HIS B 320 -39.66 17.26 5.96
CA HIS B 320 -39.08 17.96 7.10
C HIS B 320 -40.00 17.83 8.32
N THR B 321 -40.57 16.65 8.51
CA THR B 321 -41.46 16.44 9.64
C THR B 321 -40.65 16.35 10.93
N VAL B 322 -41.35 16.47 12.06
CA VAL B 322 -40.68 16.38 13.35
C VAL B 322 -40.04 15.02 13.52
N ALA B 323 -40.69 13.97 12.99
CA ALA B 323 -40.13 12.63 13.06
C ALA B 323 -38.84 12.53 12.25
N ASP B 324 -38.80 13.15 11.07
CA ASP B 324 -37.58 13.16 10.25
C ASP B 324 -36.43 13.80 11.00
N TYR B 325 -36.68 14.95 11.62
CA TYR B 325 -35.63 15.60 12.39
C TYR B 325 -35.23 14.73 13.58
N LEU B 326 -36.18 14.02 14.18
CA LEU B 326 -35.85 13.15 15.31
C LEU B 326 -34.90 12.04 14.88
N LYS B 327 -35.08 11.52 13.67
CA LYS B 327 -34.14 10.55 13.13
C LYS B 327 -32.78 11.20 12.83
N PHE B 328 -32.80 12.38 12.23
CA PHE B 328 -31.56 13.09 11.96
C PHE B 328 -30.78 13.36 13.24
N LYS B 329 -31.45 13.95 14.23
CA LYS B 329 -30.79 14.26 15.50
C LYS B 329 -30.24 12.99 16.15
N ASP B 330 -31.01 11.90 16.09
CA ASP B 330 -30.53 10.64 16.66
C ASP B 330 -29.24 10.18 15.97
N LEU B 331 -29.20 10.22 14.64
CA LEU B 331 -27.99 9.77 13.94
C LEU B 331 -26.80 10.67 14.29
N ILE B 332 -27.01 11.99 14.30
CA ILE B 332 -25.93 12.90 14.63
C ILE B 332 -25.36 12.58 16.00
N LEU B 333 -26.24 12.41 16.99
CA LEU B 333 -25.77 12.17 18.35
C LEU B 333 -24.97 10.87 18.43
N ARG B 334 -25.35 9.85 17.64
CA ARG B 334 -24.53 8.64 17.57
C ARG B 334 -23.19 8.93 16.89
N MET B 335 -23.17 9.82 15.90
CA MET B 335 -21.92 10.23 15.28
C MET B 335 -21.05 11.06 16.22
N LEU B 336 -21.66 11.80 17.14
CA LEU B 336 -20.92 12.63 18.09
C LEU B 336 -20.88 12.02 19.49
N ASP B 337 -20.99 10.69 19.56
CA ASP B 337 -20.64 9.96 20.76
C ASP B 337 -19.25 10.37 21.23
N TYR B 338 -19.14 10.71 22.53
CA TYR B 338 -17.85 11.07 23.10
C TYR B 338 -16.88 9.92 23.02
N ASP B 339 -17.37 8.69 23.17
CA ASP B 339 -16.50 7.53 23.26
C ASP B 339 -16.27 6.94 21.88
N PRO B 340 -15.06 7.00 21.34
CA PRO B 340 -14.82 6.41 20.00
C PRO B 340 -15.04 4.91 19.96
N LYS B 341 -15.10 4.24 21.13
CA LYS B 341 -15.37 2.81 21.15
C LYS B 341 -16.84 2.49 20.88
N THR B 342 -17.75 3.45 21.10
CA THR B 342 -19.16 3.20 20.82
C THR B 342 -19.74 4.16 19.80
N ARG B 343 -19.01 5.18 19.38
CA ARG B 343 -19.39 6.02 18.24
C ARG B 343 -19.87 5.15 17.08
N ILE B 344 -20.99 5.57 16.48
CA ILE B 344 -21.58 4.86 15.33
C ILE B 344 -20.53 4.62 14.26
N GLN B 345 -20.49 3.41 13.78
CA GLN B 345 -19.58 3.02 12.73
C GLN B 345 -20.29 2.97 11.38
N PRO B 346 -19.54 3.12 10.28
CA PRO B 346 -20.18 3.31 8.97
C PRO B 346 -21.21 2.25 8.61
N TYR B 347 -20.88 0.98 8.86
CA TYR B 347 -21.80 -0.10 8.55
C TYR B 347 -23.13 0.07 9.27
N TYR B 348 -23.11 0.52 10.53
CA TYR B 348 -24.37 0.66 11.24
C TYR B 348 -25.05 1.99 11.00
N ALA B 349 -24.28 3.02 10.67
CA ALA B 349 -24.89 4.28 10.22
C ALA B 349 -25.76 4.05 8.98
N LEU B 350 -25.32 3.19 8.07
CA LEU B 350 -26.13 3.02 6.86
C LEU B 350 -27.43 2.28 7.14
N GLN B 351 -27.54 1.55 8.24
CA GLN B 351 -28.78 0.89 8.61
C GLN B 351 -29.69 1.74 9.48
N HIS B 352 -29.28 2.97 9.81
CA HIS B 352 -30.08 3.85 10.65
C HIS B 352 -31.39 4.22 9.94
N SER B 353 -32.41 4.50 10.75
CA SER B 353 -33.73 4.78 10.20
C SER B 353 -33.77 6.07 9.39
N PHE B 354 -32.79 6.97 9.57
CA PHE B 354 -32.74 8.19 8.78
C PHE B 354 -32.69 7.88 7.29
N PHE B 355 -32.21 6.70 6.92
CA PHE B 355 -32.17 6.27 5.54
C PHE B 355 -33.31 5.31 5.20
N LYS B 356 -33.94 4.71 6.21
CA LYS B 356 -35.02 3.74 6.00
C LYS B 356 -36.31 4.41 5.50
CL CL C . -6.61 -17.61 7.12
C1 KQE D . 15.33 -10.12 -18.51
C2 KQE D . 16.64 -10.58 -18.64
C3 KQE D . 17.67 -9.84 -18.09
C4 KQE D . 17.40 -8.63 -17.46
C5 KQE D . 16.09 -8.19 -17.32
C6 KQE D . 18.80 -7.83 -15.83
C7 KQE D . 16.95 -11.79 -19.42
C9 KQE D . 17.72 -13.78 -19.91
C10 KQE D . 18.46 -14.97 -19.63
C11 KQE D . 19.15 -15.00 -18.46
C13 KQE D . 19.85 -13.93 -16.26
C16 KQE D . 21.35 -14.98 -14.73
C17 KQE D . 20.65 -15.02 -15.92
N KQE D . 16.90 -13.49 -20.93
C KQE D . 15.06 -8.94 -17.86
O KQE D . 18.48 -7.81 -17.10
C12 KQE D . 19.14 -13.88 -17.55
C14 KQE D . 19.80 -12.86 -15.38
C15 KQE D . 20.55 -12.91 -14.22
C8 KQE D . 16.42 -12.23 -20.60
F KQE D . 19.88 -7.15 -15.60
F1 KQE D . 17.88 -7.29 -15.12
F2 KQE D . 18.97 -9.04 -15.37
N1 KQE D . 21.33 -13.94 -13.89
N2 KQE D . 18.50 -12.78 -17.80
N3 KQE D . 17.79 -12.77 -19.00
C1 KQE E . -11.99 22.58 -6.84
C2 KQE E . -10.84 21.80 -7.07
C3 KQE E . -9.60 22.27 -6.63
C4 KQE E . -9.52 23.50 -5.98
C5 KQE E . -10.66 24.26 -5.76
C6 KQE E . -7.93 23.77 -4.27
C7 KQE E . -10.96 20.50 -7.78
C9 KQE E . -10.75 18.34 -8.29
C10 KQE E . -10.25 17.03 -8.08
C11 KQE E . -9.39 16.85 -7.05
C13 KQE E . -8.05 17.75 -5.07
C16 KQE E . -6.32 16.56 -3.96
C17 KQE E . -7.21 16.65 -5.01
N KQE E . -11.64 18.83 -9.17
C KQE E . -11.89 23.79 -6.20
O KQE E . -8.27 23.97 -5.55
C12 KQE E . -8.98 17.95 -6.21
C14 KQE E . -7.97 18.70 -4.06
C15 KQE E . -7.04 18.51 -3.04
C8 KQE E . -11.76 20.15 -8.83
F KQE E . -6.67 24.04 -4.03
F1 KQE E . -8.65 24.51 -3.45
F2 KQE E . -8.12 22.53 -3.89
N1 KQE E . -6.22 17.46 -2.98
N2 KQE E . -9.41 19.16 -6.38
N3 KQE E . -10.31 19.32 -7.44
#